data_8SYB
#
_entry.id   8SYB
#
_cell.length_a   55.842
_cell.length_b   128.195
_cell.length_c   58.525
_cell.angle_alpha   90.00
_cell.angle_beta   113.63
_cell.angle_gamma   90.00
#
_symmetry.space_group_name_H-M   'P 1 21 1'
#
loop_
_entity.id
_entity.type
_entity.pdbx_description
1 polymer 'UDP-2,3-diacetamido-2,3-dideoxy-glucuronic acid-2-epimerase'
2 non-polymer '(2~{S},3~{S},4~{R},5~{R},6~{R})-4,5-diacetamido-6-[[[(2~{R},3~{S},4~{R},5~{R})-5-[2,4-bis(oxidanylidene)pyrimidin-1-yl]-3,4-bis(oxidanyl)oxolan-2-yl]methoxy-oxidanyl-phosphoryl]oxy-oxidanyl-phosphoryl]oxy-3-oxidanyl-oxane-2-carboxylic acid'
3 non-polymer URIDINE-DIPHOSPHATE-N-ACETYLGLUCOSAMINE
4 non-polymer 'CHLORIDE ION'
5 non-polymer 'SODIUM ION'
6 water water
#
_entity_poly.entity_id   1
_entity_poly.type   'polypeptide(L)'
_entity_poly.pdbx_seq_one_letter_code
;MWVKILSVVGARPQFIKAAAVSRVLRASPGVREVLVHTGQHYDDNMSQVFFEELEIPDPDYHLGIGGGTHGQNTGRMLEA
IEGVLLKEKPDWVLVYGNTDSTLAGALAAVKLHIPVAHVEAGLRSFNRRMPEEINRILTDHASDLLFAPTETAVQNLLRE
GIPENRIHLVGDVMYDAALHYGAKAERKSRILERLGLQAKGYVLATIHRAENTDDQERLRVILEALAEVHQEVPVVFPVH
PRTRKRAEAFGLGSYLEKVVALEPVGYLDMVMLEKNARLIVTDSGGVQKEAYFYRVPCVTVREETEWVELLKAEWNYLAA
PQNAKDLALTILHRMRTKGVEIDLYGDGRASQKISDFLRKVGIRTLEHHHHHH
;
_entity_poly.pdbx_strand_id   A,B
#
loop_
_chem_comp.id
_chem_comp.type
_chem_comp.name
_chem_comp.formula
CL non-polymer 'CHLORIDE ION' 'Cl -1'
MJL non-polymer '(2~{S},3~{S},4~{R},5~{R},6~{R})-4,5-diacetamido-6-[[[(2~{R},3~{S},4~{R},5~{R})-5-[2,4-bis(oxidanylidene)pyrimidin-1-yl]-3,4-bis(oxidanyl)oxolan-2-yl]methoxy-oxidanyl-phosphoryl]oxy-oxidanyl-phosphoryl]oxy-3-oxidanyl-oxane-2-carboxylic acid' 'C19 H28 N4 O18 P2'
NA non-polymer 'SODIUM ION' 'Na 1'
UD1 non-polymer URIDINE-DIPHOSPHATE-N-ACETYLGLUCOSAMINE 'C17 H27 N3 O17 P2'
#
# COMPACT_ATOMS: atom_id res chain seq x y z
N TRP A 2 -9.52 -24.70 16.27
CA TRP A 2 -8.44 -23.71 16.55
C TRP A 2 -8.36 -22.69 15.41
N VAL A 3 -8.08 -21.43 15.77
CA VAL A 3 -7.79 -20.35 14.83
C VAL A 3 -6.39 -19.83 15.15
N LYS A 4 -5.50 -19.79 14.14
CA LYS A 4 -4.18 -19.23 14.33
C LYS A 4 -4.19 -17.73 14.00
N ILE A 5 -3.95 -16.89 15.00
CA ILE A 5 -3.86 -15.44 14.83
C ILE A 5 -2.41 -15.02 14.97
N LEU A 6 -1.84 -14.47 13.89
CA LEU A 6 -0.44 -14.06 13.88
C LEU A 6 -0.36 -12.53 13.97
N SER A 7 0.27 -12.06 15.06
CA SER A 7 0.45 -10.64 15.33
C SER A 7 1.80 -10.20 14.80
N VAL A 8 1.79 -9.09 14.05
CA VAL A 8 3.00 -8.43 13.59
C VAL A 8 3.15 -7.12 14.35
N VAL A 9 4.28 -6.99 15.05
CA VAL A 9 4.63 -5.80 15.82
C VAL A 9 6.08 -5.42 15.52
N GLY A 10 6.37 -4.12 15.51
CA GLY A 10 7.73 -3.63 15.36
C GLY A 10 8.16 -2.56 16.38
N ALA A 11 7.24 -1.69 16.79
CA ALA A 11 7.58 -0.47 17.53
C ALA A 11 6.87 -0.43 18.88
N ARG A 12 7.43 0.40 19.74
CA ARG A 12 7.06 0.53 21.13
C ARG A 12 5.54 0.57 21.25
N PRO A 13 4.86 1.50 20.57
CA PRO A 13 3.41 1.63 20.69
C PRO A 13 2.67 0.35 20.37
N GLN A 14 3.24 -0.44 19.46
CA GLN A 14 2.62 -1.67 19.00
C GLN A 14 2.77 -2.77 20.05
N PHE A 15 3.91 -2.84 20.76
CA PHE A 15 4.07 -3.82 21.84
C PHE A 15 3.00 -3.60 22.90
N ILE A 16 2.78 -2.34 23.22
CA ILE A 16 1.84 -1.98 24.27
C ILE A 16 0.41 -2.38 23.87
N LYS A 17 0.04 -2.20 22.60
CA LYS A 17 -1.28 -2.63 22.15
C LYS A 17 -1.36 -4.16 22.09
N ALA A 18 -0.34 -4.81 21.49
CA ALA A 18 -0.35 -6.26 21.39
C ALA A 18 -0.41 -6.88 22.78
N ALA A 19 0.12 -6.18 23.81
CA ALA A 19 0.10 -6.66 25.18
C ALA A 19 -1.34 -6.92 25.63
N ALA A 20 -2.21 -5.93 25.37
CA ALA A 20 -3.61 -6.00 25.74
C ALA A 20 -4.32 -7.06 24.93
N VAL A 21 -3.95 -7.18 23.64
CA VAL A 21 -4.73 -8.05 22.77
C VAL A 21 -4.31 -9.51 22.99
N SER A 22 -3.06 -9.74 23.39
CA SER A 22 -2.53 -11.09 23.50
C SER A 22 -3.02 -11.76 24.78
N ARG A 23 -2.99 -11.01 25.88
CA ARG A 23 -3.46 -11.50 27.16
C ARG A 23 -4.83 -12.15 26.94
N VAL A 24 -5.69 -11.51 26.12
CA VAL A 24 -7.04 -12.01 25.85
C VAL A 24 -7.01 -13.27 24.97
N LEU A 25 -6.13 -13.30 23.99
CA LEU A 25 -6.09 -14.41 23.05
C LEU A 25 -5.36 -15.60 23.68
N ARG A 26 -4.26 -15.32 24.40
CA ARG A 26 -3.54 -16.30 25.20
C ARG A 26 -4.54 -17.17 25.96
N ALA A 27 -5.46 -16.52 26.70
CA ALA A 27 -6.44 -17.16 27.56
C ALA A 27 -7.79 -17.35 26.86
N SER A 28 -7.77 -17.50 25.53
CA SER A 28 -8.99 -17.76 24.79
C SER A 28 -8.98 -19.19 24.29
N PRO A 29 -10.12 -19.92 24.39
CA PRO A 29 -10.23 -21.25 23.81
C PRO A 29 -10.31 -21.14 22.28
N GLY A 30 -9.64 -22.07 21.59
CA GLY A 30 -9.71 -22.16 20.15
C GLY A 30 -8.93 -21.06 19.44
N VAL A 31 -7.78 -20.69 20.01
CA VAL A 31 -6.93 -19.65 19.46
C VAL A 31 -5.50 -20.00 19.82
N ARG A 32 -4.65 -20.17 18.80
CA ARG A 32 -3.22 -20.08 18.99
C ARG A 32 -2.73 -18.74 18.46
N GLU A 33 -1.96 -18.05 19.28
CA GLU A 33 -1.39 -16.77 18.93
C GLU A 33 0.04 -17.01 18.47
N VAL A 34 0.42 -16.35 17.37
CA VAL A 34 1.80 -16.30 16.95
C VAL A 34 2.19 -14.84 16.82
N LEU A 35 3.32 -14.47 17.42
CA LEU A 35 3.79 -13.11 17.44
C LEU A 35 5.07 -13.03 16.63
N VAL A 36 5.09 -12.13 15.64
CA VAL A 36 6.32 -11.77 14.94
C VAL A 36 6.75 -10.38 15.39
N HIS A 37 8.03 -10.25 15.76
CA HIS A 37 8.66 -8.98 15.99
C HIS A 37 9.51 -8.61 14.77
N THR A 38 9.19 -7.50 14.09
CA THR A 38 9.89 -7.12 12.87
C THR A 38 11.33 -6.70 13.18
N GLY A 39 11.56 -6.17 14.37
CA GLY A 39 12.88 -5.67 14.76
C GLY A 39 13.01 -4.15 14.62
N GLN A 40 11.94 -3.47 14.19
CA GLN A 40 11.93 -2.04 13.88
C GLN A 40 12.43 -1.19 15.03
N HIS A 41 11.95 -1.45 16.25
CA HIS A 41 12.58 -0.95 17.45
C HIS A 41 13.35 -2.10 18.10
N TYR A 42 14.61 -1.81 18.45
CA TYR A 42 15.60 -2.82 18.79
C TYR A 42 16.28 -2.53 20.13
N ASP A 43 16.42 -1.25 20.46
CA ASP A 43 17.04 -0.84 21.71
C ASP A 43 16.26 -1.43 22.87
N ASP A 44 17.01 -1.82 23.92
CA ASP A 44 16.43 -2.46 25.10
C ASP A 44 15.38 -1.56 25.74
N ASN A 45 15.62 -0.24 25.74
CA ASN A 45 14.69 0.72 26.31
C ASN A 45 13.54 1.10 25.37
N MET A 46 13.49 0.53 24.13
CA MET A 46 12.40 0.77 23.18
C MET A 46 11.61 -0.50 22.89
N SER A 47 12.11 -1.66 23.34
CA SER A 47 11.57 -2.93 22.90
C SER A 47 11.56 -3.94 24.06
N GLN A 48 12.73 -4.47 24.43
CA GLN A 48 12.85 -5.53 25.44
C GLN A 48 12.12 -5.14 26.73
N VAL A 49 12.18 -3.85 27.13
CA VAL A 49 11.62 -3.44 28.41
C VAL A 49 10.11 -3.66 28.42
N PHE A 50 9.46 -3.59 27.26
CA PHE A 50 8.02 -3.78 27.19
C PHE A 50 7.67 -5.26 27.34
N PHE A 51 8.45 -6.14 26.71
CA PHE A 51 8.19 -7.57 26.77
C PHE A 51 8.29 -8.02 28.23
N GLU A 52 9.37 -7.58 28.87
CA GLU A 52 9.66 -7.85 30.26
C GLU A 52 8.53 -7.29 31.14
N GLU A 53 8.32 -5.97 31.19
CA GLU A 53 7.41 -5.37 32.16
C GLU A 53 5.94 -5.63 31.87
N LEU A 54 5.57 -5.88 30.60
CA LEU A 54 4.17 -6.13 30.28
C LEU A 54 3.86 -7.62 30.14
N GLU A 55 4.86 -8.48 30.35
CA GLU A 55 4.62 -9.92 30.41
C GLU A 55 4.20 -10.42 29.03
N ILE A 56 4.69 -9.77 27.99
CA ILE A 56 4.41 -10.21 26.64
C ILE A 56 5.31 -11.42 26.37
N PRO A 57 4.78 -12.56 25.89
CA PRO A 57 5.64 -13.72 25.63
C PRO A 57 6.76 -13.36 24.65
N ASP A 58 7.85 -14.12 24.70
CA ASP A 58 8.86 -14.05 23.67
C ASP A 58 8.21 -14.19 22.29
N PRO A 59 8.62 -13.36 21.30
CA PRO A 59 8.22 -13.55 19.90
C PRO A 59 8.61 -14.92 19.36
N ASP A 60 7.70 -15.53 18.61
CA ASP A 60 8.01 -16.75 17.90
C ASP A 60 9.09 -16.48 16.85
N TYR A 61 9.13 -15.24 16.31
CA TYR A 61 10.11 -14.83 15.32
C TYR A 61 10.51 -13.37 15.55
N HIS A 62 11.76 -13.08 15.17
CA HIS A 62 12.34 -11.76 15.31
C HIS A 62 13.16 -11.54 14.04
N LEU A 63 12.77 -10.55 13.23
CA LEU A 63 13.27 -10.45 11.87
C LEU A 63 14.48 -9.53 11.83
N GLY A 64 14.67 -8.77 12.90
CA GLY A 64 15.95 -8.09 13.10
C GLY A 64 16.19 -6.96 12.12
N ILE A 65 15.11 -6.28 11.73
CA ILE A 65 15.17 -5.27 10.68
C ILE A 65 14.83 -3.91 11.29
N GLY A 66 15.71 -2.93 11.09
CA GLY A 66 15.47 -1.60 11.62
C GLY A 66 16.59 -0.63 11.31
N GLY A 67 16.31 0.66 11.50
CA GLY A 67 17.33 1.69 11.46
C GLY A 67 17.66 2.21 10.06
N GLY A 68 17.07 1.59 9.05
CA GLY A 68 17.32 1.99 7.67
C GLY A 68 16.29 3.01 7.19
N THR A 69 16.25 3.18 5.87
CA THR A 69 15.24 3.98 5.22
C THR A 69 13.85 3.34 5.29
N HIS A 70 12.84 4.13 4.94
CA HIS A 70 11.50 3.65 4.63
C HIS A 70 11.54 2.46 3.68
N GLY A 71 12.16 2.68 2.52
CA GLY A 71 12.42 1.63 1.56
C GLY A 71 13.13 0.40 2.14
N GLN A 72 14.26 0.58 2.85
CA GLN A 72 15.02 -0.56 3.34
C GLN A 72 14.22 -1.36 4.37
N ASN A 73 13.79 -0.68 5.43
CA ASN A 73 12.99 -1.29 6.49
C ASN A 73 11.76 -2.02 5.92
N THR A 74 10.93 -1.26 5.20
CA THR A 74 9.69 -1.78 4.68
C THR A 74 9.98 -2.94 3.75
N GLY A 75 11.00 -2.80 2.90
CA GLY A 75 11.22 -3.78 1.85
C GLY A 75 11.68 -5.11 2.44
N ARG A 76 12.61 -5.03 3.41
CA ARG A 76 13.16 -6.25 3.99
C ARG A 76 12.11 -6.90 4.87
N MET A 77 11.28 -6.10 5.55
CA MET A 77 10.20 -6.63 6.38
CA MET A 77 10.21 -6.63 6.39
C MET A 77 9.15 -7.31 5.52
N LEU A 78 8.85 -6.72 4.37
CA LEU A 78 7.91 -7.36 3.46
C LEU A 78 8.39 -8.76 3.09
N GLU A 79 9.63 -8.89 2.62
CA GLU A 79 10.16 -10.20 2.26
C GLU A 79 10.22 -11.12 3.49
N ALA A 80 10.70 -10.60 4.63
CA ALA A 80 10.93 -11.44 5.79
C ALA A 80 9.60 -11.91 6.37
N ILE A 81 8.67 -10.98 6.54
CA ILE A 81 7.37 -11.35 7.09
C ILE A 81 6.69 -12.38 6.18
N GLU A 82 6.78 -12.17 4.86
CA GLU A 82 6.28 -13.15 3.91
C GLU A 82 6.86 -14.55 4.19
N GLY A 83 8.15 -14.63 4.58
CA GLY A 83 8.79 -15.89 4.89
C GLY A 83 8.06 -16.64 6.01
N VAL A 84 7.80 -15.92 7.10
CA VAL A 84 7.18 -16.51 8.28
C VAL A 84 5.77 -17.00 7.96
N LEU A 85 4.99 -16.13 7.31
CA LEU A 85 3.63 -16.46 6.93
C LEU A 85 3.61 -17.75 6.12
N LEU A 86 4.52 -17.88 5.13
CA LEU A 86 4.58 -19.11 4.35
C LEU A 86 4.80 -20.33 5.27
N LYS A 87 5.57 -20.19 6.36
CA LYS A 87 5.84 -21.31 7.28
C LYS A 87 4.69 -21.49 8.28
N GLU A 88 4.01 -20.41 8.71
CA GLU A 88 3.01 -20.55 9.76
C GLU A 88 1.57 -20.72 9.22
N LYS A 89 1.27 -20.19 8.02
CA LYS A 89 -0.06 -20.26 7.42
C LYS A 89 -1.12 -19.94 8.48
N PRO A 90 -1.17 -18.70 9.04
CA PRO A 90 -2.20 -18.34 10.00
C PRO A 90 -3.56 -18.14 9.33
N ASP A 91 -4.62 -18.08 10.13
CA ASP A 91 -5.95 -17.79 9.63
C ASP A 91 -6.17 -16.27 9.60
N TRP A 92 -5.43 -15.54 10.44
CA TRP A 92 -5.52 -14.08 10.50
C TRP A 92 -4.13 -13.50 10.67
N VAL A 93 -3.92 -12.34 10.06
CA VAL A 93 -2.82 -11.50 10.47
C VAL A 93 -3.43 -10.26 11.11
N LEU A 94 -2.89 -9.96 12.29
CA LEU A 94 -3.22 -8.74 13.01
C LEU A 94 -2.07 -7.77 12.84
N VAL A 95 -2.39 -6.54 12.44
CA VAL A 95 -1.45 -5.44 12.43
C VAL A 95 -2.02 -4.34 13.31
N TYR A 96 -1.11 -3.50 13.83
CA TYR A 96 -1.46 -2.52 14.84
C TYR A 96 -0.97 -1.17 14.35
N GLY A 97 -1.81 -0.16 14.47
CA GLY A 97 -1.32 1.21 14.43
C GLY A 97 -0.93 1.62 13.02
N ASN A 98 0.28 2.18 12.82
CA ASN A 98 0.55 2.76 11.51
C ASN A 98 2.03 3.01 11.25
N THR A 99 2.88 2.09 11.69
CA THR A 99 4.31 2.18 11.42
C THR A 99 4.63 1.45 10.11
N ASP A 100 5.87 1.61 9.65
CA ASP A 100 6.29 0.88 8.47
C ASP A 100 6.08 -0.62 8.69
N SER A 101 6.31 -1.10 9.93
CA SER A 101 6.09 -2.51 10.26
C SER A 101 4.64 -2.90 9.96
N THR A 102 3.70 -1.98 10.21
CA THR A 102 2.28 -2.26 10.05
C THR A 102 1.97 -2.55 8.58
N LEU A 103 2.48 -1.69 7.70
CA LEU A 103 2.22 -1.79 6.28
C LEU A 103 2.86 -3.07 5.71
N ALA A 104 4.10 -3.31 6.07
CA ALA A 104 4.79 -4.48 5.55
C ALA A 104 3.94 -5.70 5.88
N GLY A 105 3.46 -5.72 7.13
CA GLY A 105 2.75 -6.86 7.65
C GLY A 105 1.50 -7.13 6.84
N ALA A 106 0.70 -6.08 6.66
CA ALA A 106 -0.52 -6.24 5.88
C ALA A 106 -0.19 -6.72 4.46
N LEU A 107 0.79 -6.08 3.81
CA LEU A 107 1.05 -6.28 2.40
C LEU A 107 1.57 -7.69 2.15
N ALA A 108 2.44 -8.16 3.07
CA ALA A 108 2.92 -9.53 3.04
C ALA A 108 1.75 -10.48 3.03
N ALA A 109 0.75 -10.19 3.87
CA ALA A 109 -0.31 -11.14 4.16
C ALA A 109 -1.36 -11.12 3.06
N VAL A 110 -1.73 -9.94 2.61
CA VAL A 110 -2.82 -9.88 1.65
C VAL A 110 -2.44 -10.67 0.41
N LYS A 111 -1.17 -10.66 -0.01
CA LYS A 111 -0.80 -11.32 -1.26
C LYS A 111 -0.81 -12.85 -1.11
N LEU A 112 -0.79 -13.36 0.13
CA LEU A 112 -0.91 -14.80 0.38
C LEU A 112 -2.38 -15.19 0.62
N HIS A 113 -3.30 -14.23 0.46
CA HIS A 113 -4.72 -14.41 0.71
C HIS A 113 -5.01 -14.70 2.17
N ILE A 114 -4.11 -14.37 3.10
CA ILE A 114 -4.39 -14.44 4.51
C ILE A 114 -5.18 -13.20 4.94
N PRO A 115 -6.38 -13.33 5.56
CA PRO A 115 -7.10 -12.17 6.09
C PRO A 115 -6.27 -11.36 7.09
N VAL A 116 -6.41 -10.05 7.00
CA VAL A 116 -5.68 -9.08 7.80
C VAL A 116 -6.69 -8.29 8.62
N ALA A 117 -6.49 -8.21 9.94
CA ALA A 117 -7.26 -7.30 10.76
C ALA A 117 -6.37 -6.17 11.26
N HIS A 118 -6.91 -4.95 11.16
CA HIS A 118 -6.24 -3.74 11.58
C HIS A 118 -6.78 -3.31 12.94
N VAL A 119 -5.92 -3.41 13.94
CA VAL A 119 -6.24 -2.91 15.26
C VAL A 119 -5.86 -1.43 15.30
N GLU A 120 -6.88 -0.56 15.49
CA GLU A 120 -6.79 0.90 15.53
C GLU A 120 -6.82 1.39 14.09
N ALA A 121 -8.01 1.35 13.51
CA ALA A 121 -8.21 1.54 12.09
C ALA A 121 -8.95 2.85 11.86
N GLY A 122 -8.70 3.52 10.73
CA GLY A 122 -9.51 4.66 10.31
C GLY A 122 -9.09 6.02 10.89
N LEU A 123 -7.96 6.10 11.60
CA LEU A 123 -7.50 7.41 12.04
C LEU A 123 -6.90 8.14 10.83
N ARG A 124 -7.19 9.44 10.76
CA ARG A 124 -6.79 10.30 9.65
C ARG A 124 -6.24 11.62 10.20
N SER A 125 -5.08 12.06 9.69
CA SER A 125 -4.51 13.36 10.02
C SER A 125 -4.77 14.36 8.91
N PHE A 126 -5.13 13.81 7.75
CA PHE A 126 -5.25 14.52 6.48
C PHE A 126 -3.95 15.26 6.15
N ASN A 127 -2.84 14.87 6.77
CA ASN A 127 -1.56 15.36 6.35
C ASN A 127 -0.84 14.24 5.58
N ARG A 128 -1.07 14.24 4.26
CA ARG A 128 -0.74 13.13 3.39
C ARG A 128 0.77 12.89 3.36
N ARG A 129 1.54 13.89 3.79
CA ARG A 129 3.00 13.84 3.81
C ARG A 129 3.50 12.96 4.97
N MET A 130 2.81 12.93 6.10
CA MET A 130 3.17 12.05 7.20
C MET A 130 3.27 10.61 6.74
N PRO A 131 4.38 9.89 7.00
CA PRO A 131 4.46 8.49 6.60
C PRO A 131 3.46 7.64 7.37
N GLU A 132 2.96 8.15 8.49
CA GLU A 132 1.96 7.40 9.23
C GLU A 132 0.58 7.49 8.57
N GLU A 133 0.27 8.58 7.85
CA GLU A 133 -1.02 8.69 7.17
C GLU A 133 -1.07 7.70 6.00
N ILE A 134 -0.01 7.69 5.20
CA ILE A 134 0.11 6.74 4.10
C ILE A 134 -0.04 5.33 4.66
N ASN A 135 0.64 5.05 5.78
CA ASN A 135 0.61 3.71 6.37
C ASN A 135 -0.82 3.30 6.77
N ARG A 136 -1.56 4.19 7.42
CA ARG A 136 -2.83 3.75 7.91
C ARG A 136 -3.82 3.70 6.76
N ILE A 137 -3.68 4.61 5.78
CA ILE A 137 -4.55 4.53 4.64
C ILE A 137 -4.31 3.23 3.88
N LEU A 138 -3.06 2.96 3.47
CA LEU A 138 -2.85 1.74 2.70
C LEU A 138 -3.30 0.52 3.51
N THR A 139 -3.01 0.51 4.82
CA THR A 139 -3.37 -0.63 5.65
C THR A 139 -4.88 -0.81 5.75
N ASP A 140 -5.60 0.28 6.04
CA ASP A 140 -7.05 0.20 6.11
C ASP A 140 -7.59 -0.41 4.81
N HIS A 141 -7.10 0.08 3.67
CA HIS A 141 -7.61 -0.39 2.40
C HIS A 141 -7.13 -1.83 2.11
N ALA A 142 -6.14 -2.35 2.82
CA ALA A 142 -5.70 -3.71 2.54
C ALA A 142 -6.37 -4.69 3.49
N SER A 143 -6.99 -4.18 4.55
CA SER A 143 -7.49 -5.04 5.61
C SER A 143 -8.88 -5.58 5.30
N ASP A 144 -9.24 -6.66 5.99
CA ASP A 144 -10.54 -7.30 5.84
C ASP A 144 -11.41 -6.94 7.05
N LEU A 145 -10.78 -6.77 8.22
CA LEU A 145 -11.46 -6.27 9.40
C LEU A 145 -10.81 -4.98 9.91
N LEU A 146 -11.66 -4.03 10.32
CA LEU A 146 -11.23 -2.73 10.76
C LEU A 146 -11.81 -2.46 12.15
N PHE A 147 -10.90 -2.46 13.14
CA PHE A 147 -11.20 -2.22 14.53
C PHE A 147 -10.96 -0.74 14.88
N ALA A 148 -11.98 0.07 14.63
CA ALA A 148 -11.94 1.50 14.84
C ALA A 148 -12.02 1.80 16.32
N PRO A 149 -11.16 2.69 16.89
CA PRO A 149 -11.23 3.04 18.30
C PRO A 149 -12.18 4.19 18.60
N THR A 150 -12.69 4.86 17.56
CA THR A 150 -13.47 6.08 17.73
C THR A 150 -14.50 6.20 16.63
N GLU A 151 -15.50 7.04 16.87
CA GLU A 151 -16.60 7.23 15.94
C GLU A 151 -16.07 7.97 14.70
N THR A 152 -15.10 8.85 14.90
CA THR A 152 -14.55 9.57 13.75
C THR A 152 -13.77 8.56 12.90
N ALA A 153 -13.07 7.63 13.56
CA ALA A 153 -12.32 6.64 12.80
C ALA A 153 -13.28 5.87 11.89
N VAL A 154 -14.48 5.58 12.43
CA VAL A 154 -15.52 4.89 11.68
C VAL A 154 -15.98 5.74 10.50
N GLN A 155 -16.29 7.01 10.73
CA GLN A 155 -16.78 7.88 9.67
C GLN A 155 -15.71 8.05 8.57
N ASN A 156 -14.43 8.04 8.97
CA ASN A 156 -13.32 8.13 8.03
C ASN A 156 -13.34 6.98 7.04
N LEU A 157 -13.55 5.77 7.55
CA LEU A 157 -13.58 4.56 6.76
C LEU A 157 -14.78 4.59 5.82
N LEU A 158 -15.93 5.02 6.31
CA LEU A 158 -17.13 4.95 5.49
C LEU A 158 -17.00 5.93 4.35
N ARG A 159 -16.34 7.06 4.63
CA ARG A 159 -16.15 8.09 3.62
C ARG A 159 -15.21 7.57 2.51
N GLU A 160 -14.32 6.63 2.85
CA GLU A 160 -13.38 6.09 1.87
C GLU A 160 -13.93 4.82 1.22
N GLY A 161 -15.25 4.59 1.36
CA GLY A 161 -15.95 3.56 0.60
C GLY A 161 -15.86 2.16 1.20
N ILE A 162 -15.27 2.04 2.40
CA ILE A 162 -15.06 0.77 3.06
C ILE A 162 -16.34 0.35 3.77
N PRO A 163 -16.91 -0.85 3.48
CA PRO A 163 -18.28 -1.16 3.89
C PRO A 163 -18.42 -1.42 5.39
N GLU A 164 -19.59 -1.02 5.90
CA GLU A 164 -19.97 -1.05 7.31
C GLU A 164 -19.72 -2.43 7.92
N ASN A 165 -19.92 -3.50 7.13
CA ASN A 165 -19.90 -4.85 7.68
C ASN A 165 -18.47 -5.28 7.95
N ARG A 166 -17.48 -4.48 7.54
CA ARG A 166 -16.08 -4.80 7.83
C ARG A 166 -15.51 -3.86 8.91
N ILE A 167 -16.32 -2.98 9.48
CA ILE A 167 -15.88 -1.97 10.44
C ILE A 167 -16.54 -2.24 11.81
N HIS A 168 -15.72 -2.45 12.85
CA HIS A 168 -16.22 -2.68 14.19
C HIS A 168 -15.68 -1.61 15.13
N LEU A 169 -16.57 -0.94 15.83
CA LEU A 169 -16.17 0.08 16.78
C LEU A 169 -15.93 -0.56 18.15
N VAL A 170 -14.66 -0.71 18.52
CA VAL A 170 -14.31 -1.50 19.69
C VAL A 170 -13.64 -0.65 20.77
N GLY A 171 -13.43 0.66 20.51
CA GLY A 171 -12.66 1.47 21.43
C GLY A 171 -11.18 1.09 21.36
N ASP A 172 -10.41 1.44 22.40
CA ASP A 172 -8.95 1.51 22.28
C ASP A 172 -8.27 0.53 23.23
N VAL A 173 -7.41 -0.32 22.67
CA VAL A 173 -6.80 -1.35 23.48
C VAL A 173 -5.78 -0.71 24.41
N MET A 174 -5.31 0.48 24.08
CA MET A 174 -4.33 1.12 24.95
C MET A 174 -5.03 1.61 26.21
N TYR A 175 -6.35 1.81 26.14
CA TYR A 175 -7.11 2.02 27.37
C TYR A 175 -7.10 0.73 28.19
N ASP A 176 -7.39 -0.40 27.54
CA ASP A 176 -7.34 -1.70 28.20
C ASP A 176 -6.02 -1.80 28.95
N ALA A 177 -4.92 -1.43 28.27
CA ALA A 177 -3.58 -1.66 28.80
C ALA A 177 -3.30 -0.78 30.02
N ALA A 178 -3.78 0.46 29.97
CA ALA A 178 -3.58 1.38 31.09
C ALA A 178 -4.29 0.83 32.34
N LEU A 179 -5.56 0.45 32.20
CA LEU A 179 -6.29 -0.19 33.31
C LEU A 179 -5.47 -1.34 33.89
N HIS A 180 -5.15 -2.34 33.06
CA HIS A 180 -4.57 -3.60 33.51
C HIS A 180 -3.26 -3.36 34.28
N TYR A 181 -2.41 -2.46 33.77
CA TYR A 181 -1.05 -2.36 34.27
C TYR A 181 -0.89 -1.24 35.29
N GLY A 182 -1.91 -0.38 35.46
CA GLY A 182 -1.84 0.72 36.42
C GLY A 182 -1.30 0.28 37.78
N ALA A 183 -1.92 -0.78 38.34
CA ALA A 183 -1.60 -1.29 39.66
C ALA A 183 -0.10 -1.59 39.79
N LYS A 184 0.42 -2.29 38.77
CA LYS A 184 1.80 -2.76 38.75
C LYS A 184 2.74 -1.57 38.63
N ALA A 185 2.26 -0.51 37.98
CA ALA A 185 3.04 0.69 37.79
C ALA A 185 3.21 1.38 39.15
N GLU A 186 2.12 1.34 39.94
CA GLU A 186 2.12 1.84 41.31
C GLU A 186 3.20 1.16 42.14
N ARG A 187 3.23 -0.18 42.18
CA ARG A 187 4.12 -0.87 43.12
C ARG A 187 5.58 -0.83 42.61
N LYS A 188 5.80 -0.93 41.29
CA LYS A 188 7.15 -1.19 40.79
C LYS A 188 7.87 0.08 40.35
N SER A 189 7.17 1.19 40.07
CA SER A 189 7.83 2.39 39.56
C SER A 189 8.40 3.21 40.71
N ARG A 190 9.68 3.57 40.61
CA ARG A 190 10.31 4.44 41.57
C ARG A 190 11.02 5.59 40.85
N ILE A 191 10.40 6.07 39.75
CA ILE A 191 11.07 7.06 38.90
C ILE A 191 10.99 8.43 39.56
N LEU A 192 9.85 8.77 40.18
CA LEU A 192 9.74 9.98 40.98
C LEU A 192 10.80 10.01 42.08
N GLU A 193 11.10 8.84 42.67
CA GLU A 193 12.08 8.75 43.74
C GLU A 193 13.47 9.06 43.22
N ARG A 194 13.89 8.41 42.11
CA ARG A 194 15.27 8.56 41.67
C ARG A 194 15.46 9.88 40.93
N LEU A 195 14.41 10.42 40.32
CA LEU A 195 14.51 11.74 39.71
C LEU A 195 14.40 12.83 40.78
N GLY A 196 13.77 12.50 41.90
CA GLY A 196 13.51 13.47 42.95
C GLY A 196 12.49 14.51 42.52
N LEU A 197 11.32 14.03 42.09
CA LEU A 197 10.22 14.87 41.66
C LEU A 197 9.09 14.72 42.66
N GLN A 198 8.36 15.81 42.90
CA GLN A 198 7.15 15.73 43.68
C GLN A 198 6.01 15.42 42.71
N ALA A 199 5.08 14.55 43.12
CA ALA A 199 3.81 14.40 42.42
C ALA A 199 3.25 15.77 42.13
N LYS A 200 2.84 15.97 40.87
CA LYS A 200 2.35 17.24 40.35
C LYS A 200 3.39 18.35 40.52
N GLY A 201 4.68 17.94 40.56
CA GLY A 201 5.81 18.85 40.67
C GLY A 201 6.61 19.01 39.38
N TYR A 202 5.98 18.75 38.23
CA TYR A 202 6.68 18.78 36.95
C TYR A 202 5.70 18.64 35.79
N VAL A 203 6.20 18.96 34.59
CA VAL A 203 5.50 18.80 33.33
C VAL A 203 6.23 17.72 32.53
N LEU A 204 5.49 16.87 31.81
CA LEU A 204 6.09 15.78 31.05
C LEU A 204 5.95 16.04 29.55
N ALA A 205 7.06 15.78 28.83
CA ALA A 205 7.20 16.05 27.41
C ALA A 205 7.76 14.82 26.68
N THR A 206 7.17 14.48 25.53
CA THR A 206 7.75 13.61 24.53
C THR A 206 7.54 14.21 23.13
N ILE A 207 8.61 14.18 22.32
CA ILE A 207 8.57 14.69 20.96
C ILE A 207 9.30 13.73 20.05
N HIS A 208 8.62 13.23 19.00
CA HIS A 208 9.31 12.38 18.03
C HIS A 208 8.69 12.30 16.62
N ARG A 209 7.64 13.11 16.32
CA ARG A 209 7.07 13.10 14.98
C ARG A 209 8.15 13.51 13.97
N ALA A 210 8.22 12.86 12.80
CA ALA A 210 9.22 13.19 11.78
C ALA A 210 9.22 14.68 11.41
N GLU A 211 8.01 15.22 11.28
CA GLU A 211 7.82 16.59 10.85
C GLU A 211 8.24 17.60 11.92
N ASN A 212 8.48 17.14 13.15
CA ASN A 212 9.03 18.01 14.17
C ASN A 212 10.53 17.81 14.28
N THR A 213 11.02 16.60 14.03
CA THR A 213 12.38 16.26 14.37
C THR A 213 13.32 16.53 13.21
N ASP A 214 12.83 16.30 11.98
CA ASP A 214 13.64 16.39 10.78
C ASP A 214 13.72 17.84 10.32
N ASP A 215 12.88 18.71 10.89
CA ASP A 215 12.86 20.11 10.49
C ASP A 215 13.57 20.95 11.55
N GLN A 216 14.79 21.40 11.25
CA GLN A 216 15.64 22.02 12.25
C GLN A 216 14.89 23.10 13.03
N GLU A 217 14.18 23.98 12.32
CA GLU A 217 13.58 25.15 12.94
C GLU A 217 12.42 24.74 13.86
N ARG A 218 11.65 23.74 13.44
CA ARG A 218 10.54 23.25 14.24
C ARG A 218 11.13 22.62 15.50
N LEU A 219 12.24 21.88 15.35
CA LEU A 219 12.81 21.20 16.50
C LEU A 219 13.38 22.24 17.45
N ARG A 220 14.04 23.25 16.86
CA ARG A 220 14.57 24.38 17.59
C ARG A 220 13.48 25.05 18.40
N VAL A 221 12.35 25.38 17.79
CA VAL A 221 11.27 26.02 18.53
C VAL A 221 10.82 25.20 19.75
N ILE A 222 10.78 23.88 19.57
CA ILE A 222 10.28 22.99 20.61
C ILE A 222 11.29 22.92 21.76
N LEU A 223 12.55 22.61 21.49
CA LEU A 223 13.50 22.46 22.59
C LEU A 223 13.72 23.81 23.28
N GLU A 224 13.74 24.92 22.51
CA GLU A 224 13.72 26.27 23.06
C GLU A 224 12.52 26.42 24.00
N ALA A 225 11.31 26.23 23.48
CA ALA A 225 10.09 26.45 24.24
C ALA A 225 10.07 25.66 25.54
N LEU A 226 10.52 24.39 25.47
CA LEU A 226 10.50 23.48 26.62
C LEU A 226 11.51 23.91 27.68
N ALA A 227 12.62 24.53 27.25
CA ALA A 227 13.64 25.00 28.18
C ALA A 227 13.13 26.22 28.96
N GLU A 228 12.40 27.11 28.27
CA GLU A 228 11.73 28.23 28.93
C GLU A 228 10.65 27.75 29.89
N VAL A 229 9.92 26.69 29.53
CA VAL A 229 8.92 26.13 30.43
C VAL A 229 9.62 25.66 31.70
N HIS A 230 10.82 25.09 31.54
CA HIS A 230 11.59 24.50 32.63
C HIS A 230 12.05 25.52 33.68
N GLN A 231 12.22 26.79 33.27
CA GLN A 231 12.57 27.85 34.20
C GLN A 231 11.46 28.09 35.22
N GLU A 232 10.24 27.66 34.85
CA GLU A 232 9.01 27.96 35.56
C GLU A 232 8.50 26.71 36.29
N VAL A 233 8.54 25.55 35.60
CA VAL A 233 8.12 24.27 36.16
C VAL A 233 8.99 23.19 35.54
N PRO A 234 9.60 22.28 36.32
CA PRO A 234 10.60 21.37 35.75
C PRO A 234 9.94 20.56 34.63
N VAL A 235 10.74 20.32 33.57
CA VAL A 235 10.27 19.60 32.41
C VAL A 235 11.01 18.27 32.39
N VAL A 236 10.22 17.21 32.31
CA VAL A 236 10.70 15.84 32.29
C VAL A 236 10.47 15.33 30.88
N PHE A 237 11.53 14.82 30.26
CA PHE A 237 11.55 14.66 28.81
C PHE A 237 12.25 13.34 28.46
N PRO A 238 11.50 12.22 28.43
CA PRO A 238 12.01 11.00 27.82
C PRO A 238 12.16 11.31 26.33
N VAL A 239 13.41 11.22 25.88
CA VAL A 239 13.81 11.65 24.56
C VAL A 239 13.85 10.42 23.65
N HIS A 240 12.93 10.36 22.69
CA HIS A 240 12.94 9.34 21.66
C HIS A 240 14.32 9.28 21.00
N PRO A 241 14.83 8.11 20.59
CA PRO A 241 16.15 8.04 19.95
C PRO A 241 16.26 8.88 18.67
N ARG A 242 15.23 8.86 17.83
CA ARG A 242 15.17 9.72 16.65
C ARG A 242 15.35 11.18 17.04
N THR A 243 14.61 11.63 18.06
CA THR A 243 14.67 13.00 18.51
C THR A 243 16.08 13.35 19.01
N ARG A 244 16.67 12.44 19.81
CA ARG A 244 17.98 12.67 20.38
C ARG A 244 18.97 12.89 19.23
N LYS A 245 18.91 12.04 18.20
CA LYS A 245 19.88 12.11 17.11
C LYS A 245 19.70 13.38 16.27
N ARG A 246 18.45 13.79 16.02
CA ARG A 246 18.23 14.98 15.22
C ARG A 246 18.66 16.20 16.04
N ALA A 247 18.27 16.24 17.31
CA ALA A 247 18.70 17.31 18.19
C ALA A 247 20.22 17.43 18.16
N GLU A 248 20.92 16.30 18.35
CA GLU A 248 22.37 16.32 18.39
C GLU A 248 22.89 16.78 17.04
N ALA A 249 22.28 16.30 15.95
CA ALA A 249 22.68 16.60 14.58
C ALA A 249 22.61 18.09 14.28
N PHE A 250 21.63 18.78 14.83
CA PHE A 250 21.40 20.18 14.52
C PHE A 250 22.06 21.06 15.59
N GLY A 251 22.88 20.44 16.44
CA GLY A 251 23.56 21.12 17.54
C GLY A 251 22.59 21.78 18.52
N LEU A 252 21.53 21.04 18.91
CA LEU A 252 20.48 21.54 19.76
C LEU A 252 20.52 20.83 21.12
N GLY A 253 21.56 20.03 21.35
CA GLY A 253 21.66 19.20 22.53
C GLY A 253 21.73 19.98 23.84
N SER A 254 22.04 21.27 23.82
CA SER A 254 22.15 21.96 25.09
C SER A 254 20.74 22.18 25.67
N TYR A 255 19.76 22.34 24.79
CA TYR A 255 18.41 22.58 25.28
C TYR A 255 17.96 21.32 26.03
N LEU A 256 18.47 20.16 25.64
CA LEU A 256 18.11 18.94 26.34
C LEU A 256 18.70 18.92 27.76
N GLU A 257 19.97 19.32 27.92
CA GLU A 257 20.63 19.33 29.23
C GLU A 257 19.97 20.34 30.18
N LYS A 258 19.37 21.40 29.60
CA LYS A 258 18.74 22.45 30.40
C LYS A 258 17.43 21.98 31.01
N VAL A 259 16.86 20.89 30.51
CA VAL A 259 15.69 20.30 31.15
C VAL A 259 16.10 18.94 31.71
N VAL A 260 15.13 18.19 32.25
CA VAL A 260 15.42 16.90 32.87
C VAL A 260 15.20 15.84 31.80
N ALA A 261 16.27 15.56 31.05
CA ALA A 261 16.19 14.79 29.82
C ALA A 261 16.62 13.36 30.09
N LEU A 262 15.74 12.42 29.77
CA LEU A 262 15.96 11.02 30.05
C LEU A 262 16.06 10.27 28.74
N GLU A 263 16.76 9.13 28.82
CA GLU A 263 16.55 8.09 27.84
C GLU A 263 15.09 7.65 27.90
N PRO A 264 14.60 6.92 26.88
CA PRO A 264 13.26 6.38 26.94
C PRO A 264 13.08 5.48 28.16
N VAL A 265 11.87 5.50 28.71
CA VAL A 265 11.56 4.76 29.92
C VAL A 265 10.48 3.74 29.61
N GLY A 266 10.44 2.69 30.47
CA GLY A 266 9.48 1.61 30.32
C GLY A 266 8.07 2.13 30.54
N TYR A 267 7.08 1.33 30.13
CA TYR A 267 5.69 1.71 30.26
C TYR A 267 5.31 2.01 31.71
N LEU A 268 6.00 1.37 32.68
CA LEU A 268 5.59 1.45 34.07
C LEU A 268 5.97 2.82 34.61
N ASP A 269 7.26 3.16 34.51
CA ASP A 269 7.73 4.51 34.78
C ASP A 269 6.89 5.56 34.05
N MET A 270 6.55 5.29 32.78
CA MET A 270 5.89 6.30 31.97
C MET A 270 4.47 6.55 32.48
N VAL A 271 3.79 5.48 32.91
CA VAL A 271 2.46 5.59 33.51
C VAL A 271 2.51 6.49 34.75
N MET A 272 3.52 6.25 35.61
CA MET A 272 3.78 7.08 36.78
C MET A 272 3.92 8.53 36.32
N LEU A 273 4.89 8.77 35.44
CA LEU A 273 5.17 10.12 34.96
C LEU A 273 3.91 10.75 34.39
N GLU A 274 3.14 10.03 33.58
CA GLU A 274 1.95 10.65 33.03
C GLU A 274 0.97 11.04 34.14
N LYS A 275 0.73 10.10 35.06
CA LYS A 275 -0.26 10.24 36.13
C LYS A 275 0.03 11.46 36.98
N ASN A 276 1.32 11.63 37.31
CA ASN A 276 1.83 12.59 38.30
C ASN A 276 2.34 13.89 37.67
N ALA A 277 2.28 14.04 36.33
CA ALA A 277 2.58 15.32 35.70
C ALA A 277 1.44 16.32 35.95
N ARG A 278 1.74 17.63 35.88
CA ARG A 278 0.72 18.66 35.98
C ARG A 278 0.05 18.84 34.61
N LEU A 279 0.87 18.70 33.56
CA LEU A 279 0.40 18.76 32.19
C LEU A 279 1.37 17.99 31.32
N ILE A 280 0.83 17.42 30.23
CA ILE A 280 1.66 16.65 29.31
C ILE A 280 1.77 17.42 27.99
N VAL A 281 2.99 17.48 27.47
CA VAL A 281 3.32 18.12 26.21
C VAL A 281 3.87 17.04 25.29
N THR A 282 3.22 16.81 24.15
CA THR A 282 3.64 15.69 23.32
C THR A 282 3.24 15.88 21.86
N ASP A 283 3.93 15.18 20.97
CA ASP A 283 3.44 14.96 19.62
C ASP A 283 3.16 13.46 19.41
N SER A 284 3.18 12.69 20.50
CA SER A 284 2.80 11.29 20.45
C SER A 284 1.28 11.12 20.22
N GLY A 285 0.90 9.98 19.66
CA GLY A 285 -0.50 9.65 19.53
C GLY A 285 -1.04 9.04 20.83
N GLY A 286 -0.36 7.98 21.28
CA GLY A 286 -0.75 7.29 22.51
C GLY A 286 -0.81 8.22 23.72
N VAL A 287 0.27 9.00 23.88
CA VAL A 287 0.48 9.79 25.08
C VAL A 287 -0.60 10.85 25.22
N GLN A 288 -1.26 11.28 24.13
CA GLN A 288 -2.33 12.26 24.27
C GLN A 288 -3.61 11.61 24.82
N LYS A 289 -3.91 10.37 24.40
CA LYS A 289 -5.01 9.61 24.97
C LYS A 289 -4.73 9.33 26.44
N GLU A 290 -3.50 8.89 26.71
CA GLU A 290 -3.07 8.53 28.05
C GLU A 290 -3.23 9.75 28.98
N ALA A 291 -2.84 10.95 28.52
CA ALA A 291 -3.04 12.15 29.30
C ALA A 291 -4.51 12.32 29.70
N TYR A 292 -5.44 12.11 28.76
CA TYR A 292 -6.85 12.18 29.10
C TYR A 292 -7.24 11.07 30.10
N PHE A 293 -6.69 9.86 29.96
CA PHE A 293 -6.97 8.77 30.89
C PHE A 293 -6.78 9.23 32.33
N TYR A 294 -5.72 10.01 32.59
CA TYR A 294 -5.40 10.44 33.94
C TYR A 294 -5.86 11.87 34.23
N ARG A 295 -6.68 12.46 33.37
CA ARG A 295 -7.22 13.81 33.60
C ARG A 295 -6.07 14.79 33.84
N VAL A 296 -5.03 14.67 33.01
CA VAL A 296 -3.92 15.60 32.97
C VAL A 296 -4.12 16.38 31.68
N PRO A 297 -4.19 17.73 31.75
CA PRO A 297 -4.34 18.57 30.55
C PRO A 297 -3.17 18.32 29.60
N CYS A 298 -3.47 18.27 28.31
CA CYS A 298 -2.47 17.94 27.31
C CYS A 298 -2.33 19.07 26.28
N VAL A 299 -1.07 19.27 25.84
CA VAL A 299 -0.77 20.13 24.71
C VAL A 299 -0.05 19.31 23.66
N THR A 300 -0.61 19.38 22.44
CA THR A 300 -0.18 18.57 21.31
C THR A 300 0.50 19.47 20.29
N VAL A 301 1.79 19.18 20.04
CA VAL A 301 2.68 20.11 19.40
C VAL A 301 2.71 19.77 17.91
N ARG A 302 1.52 19.94 17.31
CA ARG A 302 1.31 19.56 15.92
C ARG A 302 0.27 20.53 15.38
N GLU A 303 0.07 20.49 14.06
CA GLU A 303 -0.93 21.28 13.37
C GLU A 303 -2.28 20.57 13.33
N GLU A 304 -2.28 19.28 13.65
CA GLU A 304 -3.51 18.50 13.74
C GLU A 304 -3.29 17.27 14.62
N THR A 305 -4.41 16.61 14.93
CA THR A 305 -4.37 15.34 15.61
C THR A 305 -5.46 14.46 15.02
N GLU A 306 -5.19 13.16 15.13
CA GLU A 306 -6.08 12.10 14.72
C GLU A 306 -7.18 11.93 15.76
N TRP A 307 -6.89 12.32 17.01
CA TRP A 307 -7.77 12.10 18.16
C TRP A 307 -8.59 13.36 18.47
N VAL A 308 -9.45 13.77 17.51
CA VAL A 308 -10.04 15.10 17.55
C VAL A 308 -10.92 15.23 18.80
N GLU A 309 -11.46 14.10 19.27
CA GLU A 309 -12.39 14.14 20.40
C GLU A 309 -11.71 14.77 21.62
N LEU A 310 -10.38 14.62 21.75
CA LEU A 310 -9.65 15.19 22.88
C LEU A 310 -9.62 16.72 22.82
N LEU A 311 -9.44 17.32 21.63
CA LEU A 311 -9.57 18.77 21.51
C LEU A 311 -10.97 19.14 21.93
N LYS A 312 -11.98 18.42 21.41
CA LYS A 312 -13.37 18.82 21.59
C LYS A 312 -13.72 18.80 23.07
N ALA A 313 -13.23 17.79 23.80
CA ALA A 313 -13.48 17.64 25.22
C ALA A 313 -12.61 18.55 26.10
N GLU A 314 -11.68 19.30 25.49
CA GLU A 314 -10.95 20.42 26.10
C GLU A 314 -9.85 19.88 27.02
N TRP A 315 -9.48 18.62 26.80
CA TRP A 315 -8.43 17.93 27.55
C TRP A 315 -7.11 18.09 26.83
N ASN A 316 -7.24 18.49 25.56
CA ASN A 316 -6.11 18.62 24.66
C ASN A 316 -6.27 19.90 23.85
N TYR A 317 -5.12 20.43 23.45
CA TYR A 317 -5.00 21.73 22.81
C TYR A 317 -3.81 21.66 21.86
N LEU A 318 -4.07 21.99 20.60
CA LEU A 318 -3.05 21.99 19.55
C LEU A 318 -2.23 23.25 19.68
N ALA A 319 -0.89 23.09 19.63
CA ALA A 319 0.03 24.20 19.59
C ALA A 319 1.18 23.94 18.61
N ALA A 320 0.98 24.41 17.38
CA ALA A 320 1.97 24.33 16.31
C ALA A 320 3.28 25.00 16.71
N PRO A 321 4.44 24.39 16.40
CA PRO A 321 5.74 24.93 16.82
C PRO A 321 6.31 26.01 15.89
N GLN A 322 5.72 27.22 15.98
CA GLN A 322 6.09 28.32 15.10
C GLN A 322 7.07 29.30 15.75
N ASN A 323 7.08 29.34 17.09
CA ASN A 323 7.68 30.39 17.87
C ASN A 323 7.84 29.89 19.31
N ALA A 324 9.09 29.91 19.81
CA ALA A 324 9.44 29.30 21.08
C ALA A 324 8.63 29.90 22.23
N LYS A 325 8.41 31.23 22.17
CA LYS A 325 7.79 31.95 23.27
C LYS A 325 6.29 31.73 23.28
N ASP A 326 5.67 31.78 22.09
CA ASP A 326 4.26 31.48 21.92
C ASP A 326 3.97 30.06 22.39
N LEU A 327 4.84 29.12 22.03
CA LEU A 327 4.62 27.73 22.39
C LEU A 327 4.69 27.59 23.90
N ALA A 328 5.71 28.20 24.54
CA ALA A 328 5.91 28.10 25.98
C ALA A 328 4.75 28.76 26.74
N LEU A 329 4.33 29.94 26.32
CA LEU A 329 3.20 30.56 27.00
C LEU A 329 1.96 29.70 26.83
N THR A 330 1.81 29.03 25.69
CA THR A 330 0.61 28.23 25.48
C THR A 330 0.59 27.08 26.49
N ILE A 331 1.76 26.49 26.69
CA ILE A 331 1.96 25.39 27.59
C ILE A 331 1.65 25.89 29.01
N LEU A 332 2.37 26.93 29.44
CA LEU A 332 2.21 27.44 30.78
C LEU A 332 0.75 27.82 31.00
N HIS A 333 0.08 28.42 30.00
CA HIS A 333 -1.32 28.79 30.16
C HIS A 333 -2.18 27.53 30.36
N ARG A 334 -2.07 26.55 29.46
CA ARG A 334 -2.96 25.39 29.48
C ARG A 334 -2.87 24.56 30.77
N MET A 335 -1.85 24.78 31.61
CA MET A 335 -1.65 23.84 32.70
C MET A 335 -2.61 24.13 33.85
N ARG A 336 -3.27 25.29 33.83
CA ARG A 336 -4.37 25.47 34.78
C ARG A 336 -5.69 25.47 34.01
N THR A 337 -5.85 24.45 33.17
CA THR A 337 -7.08 24.17 32.47
C THR A 337 -7.46 22.72 32.78
N LYS A 338 -8.70 22.37 32.40
CA LYS A 338 -9.19 21.01 32.43
C LYS A 338 -10.27 20.86 31.37
N GLY A 339 -10.60 19.60 31.04
CA GLY A 339 -11.59 19.27 30.03
C GLY A 339 -12.90 18.82 30.67
N VAL A 340 -13.87 18.39 29.87
CA VAL A 340 -15.18 18.07 30.42
C VAL A 340 -15.19 16.62 30.89
N GLU A 341 -16.20 16.28 31.70
CA GLU A 341 -16.58 14.92 32.08
C GLU A 341 -17.06 14.17 30.83
N ILE A 342 -16.31 13.14 30.38
CA ILE A 342 -16.72 12.34 29.22
C ILE A 342 -15.86 11.07 29.12
N ASP A 343 -16.51 9.96 28.76
CA ASP A 343 -15.85 8.67 28.62
C ASP A 343 -15.64 8.37 27.14
N LEU A 344 -14.36 8.20 26.78
CA LEU A 344 -13.96 7.91 25.41
C LEU A 344 -13.24 6.56 25.44
N TYR A 345 -13.10 5.94 24.28
CA TYR A 345 -12.19 4.80 24.13
C TYR A 345 -12.72 3.52 24.79
N GLY A 346 -14.01 3.55 25.20
CA GLY A 346 -14.69 2.36 25.72
C GLY A 346 -14.29 1.95 27.14
N ASP A 347 -14.55 0.66 27.43
CA ASP A 347 -14.78 0.14 28.77
C ASP A 347 -13.53 -0.55 29.31
N GLY A 348 -12.49 -0.66 28.47
CA GLY A 348 -11.31 -1.41 28.86
C GLY A 348 -11.36 -2.85 28.36
N ARG A 349 -12.37 -3.13 27.51
CA ARG A 349 -12.61 -4.45 26.93
C ARG A 349 -12.68 -4.40 25.40
N ALA A 350 -11.87 -3.52 24.80
CA ALA A 350 -11.65 -3.53 23.35
C ALA A 350 -11.00 -4.84 22.96
N SER A 351 -9.91 -5.22 23.65
CA SER A 351 -9.21 -6.46 23.37
C SER A 351 -10.15 -7.66 23.27
N GLN A 352 -11.14 -7.76 24.18
CA GLN A 352 -12.04 -8.91 24.21
C GLN A 352 -13.04 -8.79 23.06
N LYS A 353 -13.53 -7.57 22.76
CA LYS A 353 -14.45 -7.37 21.64
C LYS A 353 -13.82 -7.85 20.33
N ILE A 354 -12.52 -7.57 20.18
CA ILE A 354 -11.71 -7.94 19.05
C ILE A 354 -11.55 -9.46 19.01
N SER A 355 -11.00 -10.02 20.09
CA SER A 355 -10.89 -11.46 20.26
C SER A 355 -12.17 -12.18 19.86
N ASP A 356 -13.33 -11.60 20.20
CA ASP A 356 -14.64 -12.18 19.87
C ASP A 356 -14.91 -12.17 18.37
N PHE A 357 -14.71 -11.02 17.71
CA PHE A 357 -15.00 -10.91 16.29
C PHE A 357 -14.11 -11.84 15.46
N LEU A 358 -12.93 -12.20 16.00
CA LEU A 358 -11.98 -13.02 15.27
C LEU A 358 -12.34 -14.51 15.30
N ARG A 359 -12.88 -15.00 16.42
CA ARG A 359 -13.41 -16.37 16.48
C ARG A 359 -14.70 -16.45 15.64
N LYS A 360 -15.55 -15.43 15.77
CA LYS A 360 -16.72 -15.25 14.93
C LYS A 360 -16.29 -14.62 13.59
N TRP B 2 14.15 20.71 -17.29
CA TRP B 2 13.58 21.63 -16.28
C TRP B 2 12.82 20.83 -15.21
N VAL B 3 11.79 20.06 -15.61
CA VAL B 3 11.09 19.14 -14.70
C VAL B 3 11.48 17.69 -15.02
N LYS B 4 11.80 16.92 -13.98
CA LYS B 4 12.28 15.58 -14.18
C LYS B 4 11.18 14.59 -13.80
N ILE B 5 10.84 13.70 -14.74
CA ILE B 5 9.78 12.74 -14.56
C ILE B 5 10.35 11.33 -14.71
N LEU B 6 10.32 10.56 -13.62
CA LEU B 6 10.89 9.22 -13.62
C LEU B 6 9.77 8.17 -13.71
N SER B 7 9.84 7.34 -14.75
CA SER B 7 8.85 6.29 -14.93
C SER B 7 9.37 4.98 -14.39
N VAL B 8 8.48 4.22 -13.78
CA VAL B 8 8.79 2.88 -13.34
C VAL B 8 7.99 1.87 -14.15
N VAL B 9 8.72 0.98 -14.86
CA VAL B 9 8.15 -0.14 -15.59
C VAL B 9 8.83 -1.43 -15.16
N GLY B 10 8.10 -2.53 -15.33
CA GLY B 10 8.59 -3.85 -14.96
C GLY B 10 8.21 -4.92 -15.98
N ALA B 11 6.94 -4.88 -16.42
CA ALA B 11 6.36 -5.98 -17.17
C ALA B 11 5.81 -5.50 -18.53
N ARG B 12 5.59 -6.46 -19.44
CA ARG B 12 5.25 -6.23 -20.84
C ARG B 12 4.24 -5.10 -21.00
N PRO B 13 3.01 -5.17 -20.43
CA PRO B 13 1.99 -4.16 -20.67
C PRO B 13 2.41 -2.75 -20.26
N GLN B 14 3.39 -2.67 -19.34
CA GLN B 14 3.90 -1.42 -18.83
C GLN B 14 4.87 -0.79 -19.83
N PHE B 15 5.57 -1.59 -20.64
CA PHE B 15 6.45 -1.01 -21.64
C PHE B 15 5.64 -0.40 -22.79
N ILE B 16 4.49 -1.01 -23.10
CA ILE B 16 3.64 -0.54 -24.18
C ILE B 16 3.01 0.80 -23.79
N LYS B 17 2.42 0.90 -22.59
CA LYS B 17 1.89 2.16 -22.07
C LYS B 17 2.99 3.23 -22.05
N ALA B 18 4.16 2.84 -21.49
CA ALA B 18 5.29 3.74 -21.29
C ALA B 18 5.82 4.23 -22.64
N ALA B 19 5.83 3.35 -23.65
CA ALA B 19 6.19 3.73 -25.02
C ALA B 19 5.40 4.96 -25.48
N ALA B 20 4.08 4.92 -25.27
CA ALA B 20 3.18 5.97 -25.74
C ALA B 20 3.39 7.26 -24.97
N VAL B 21 3.55 7.16 -23.65
CA VAL B 21 3.63 8.36 -22.84
C VAL B 21 5.02 8.97 -22.97
N SER B 22 6.06 8.10 -22.93
CA SER B 22 7.46 8.46 -23.12
C SER B 22 7.69 9.24 -24.40
N ARG B 23 6.93 8.93 -25.47
CA ARG B 23 7.12 9.60 -26.74
C ARG B 23 6.79 11.08 -26.54
N VAL B 24 5.71 11.37 -25.81
CA VAL B 24 5.22 12.74 -25.64
C VAL B 24 6.14 13.49 -24.67
N LEU B 25 6.62 12.78 -23.65
CA LEU B 25 7.46 13.39 -22.63
C LEU B 25 8.83 13.71 -23.21
N ARG B 26 9.43 12.75 -23.95
CA ARG B 26 10.67 13.01 -24.67
C ARG B 26 10.54 14.29 -25.51
N ALA B 27 9.45 14.41 -26.28
CA ALA B 27 9.26 15.51 -27.21
C ALA B 27 8.98 16.84 -26.52
N SER B 28 8.58 16.81 -25.24
CA SER B 28 8.18 18.03 -24.57
C SER B 28 9.44 18.75 -24.06
N PRO B 29 9.49 20.09 -24.20
CA PRO B 29 10.68 20.87 -23.84
C PRO B 29 10.88 21.08 -22.33
N GLY B 30 9.79 21.13 -21.55
CA GLY B 30 9.93 21.39 -20.13
C GLY B 30 10.35 20.18 -19.29
N VAL B 31 10.81 19.11 -19.95
CA VAL B 31 10.67 17.77 -19.41
C VAL B 31 11.86 16.89 -19.77
N ARG B 32 12.58 16.41 -18.74
CA ARG B 32 13.56 15.36 -18.85
CA ARG B 32 13.55 15.35 -18.88
C ARG B 32 12.97 14.10 -18.23
N GLU B 33 13.14 12.96 -18.90
CA GLU B 33 12.59 11.71 -18.42
C GLU B 33 13.71 10.76 -18.00
N VAL B 34 13.46 10.01 -16.93
CA VAL B 34 14.31 8.91 -16.51
C VAL B 34 13.42 7.67 -16.46
N LEU B 35 13.85 6.59 -17.10
CA LEU B 35 13.06 5.37 -17.13
C LEU B 35 13.76 4.34 -16.25
N VAL B 36 13.02 3.79 -15.29
CA VAL B 36 13.53 2.73 -14.44
C VAL B 36 12.77 1.46 -14.78
N HIS B 37 13.52 0.44 -15.19
CA HIS B 37 13.02 -0.89 -15.46
C HIS B 37 13.44 -1.77 -14.30
N THR B 38 12.47 -2.34 -13.57
CA THR B 38 12.70 -3.09 -12.35
C THR B 38 13.32 -4.45 -12.66
N GLY B 39 13.10 -4.96 -13.86
CA GLY B 39 13.63 -6.26 -14.24
C GLY B 39 12.58 -7.33 -14.06
N GLN B 40 11.35 -6.92 -13.71
CA GLN B 40 10.28 -7.86 -13.41
C GLN B 40 10.11 -8.85 -14.56
N HIS B 41 9.95 -8.34 -15.79
CA HIS B 41 9.99 -9.13 -16.99
C HIS B 41 11.37 -8.98 -17.68
N TYR B 42 11.98 -10.13 -18.00
CA TYR B 42 13.41 -10.23 -18.28
C TYR B 42 13.74 -11.10 -19.49
N ASP B 43 12.95 -12.13 -19.79
CA ASP B 43 13.03 -12.80 -21.08
C ASP B 43 12.87 -11.80 -22.23
N ASP B 44 13.65 -12.03 -23.30
CA ASP B 44 13.74 -11.10 -24.41
C ASP B 44 12.39 -10.92 -25.12
N ASN B 45 11.63 -12.03 -25.26
CA ASN B 45 10.30 -12.02 -25.85
C ASN B 45 9.27 -11.49 -24.85
N MET B 46 9.69 -11.07 -23.63
CA MET B 46 8.76 -10.41 -22.75
C MET B 46 9.16 -8.95 -22.47
N SER B 47 10.38 -8.53 -22.83
CA SER B 47 10.92 -7.24 -22.42
C SER B 47 11.68 -6.60 -23.58
N GLN B 48 12.90 -7.09 -23.88
CA GLN B 48 13.75 -6.58 -24.96
C GLN B 48 12.96 -6.25 -26.24
N VAL B 49 12.14 -7.19 -26.71
CA VAL B 49 11.48 -7.06 -28.00
C VAL B 49 10.62 -5.78 -28.03
N PHE B 50 10.02 -5.43 -26.89
CA PHE B 50 9.15 -4.26 -26.84
C PHE B 50 9.94 -2.96 -26.96
N PHE B 51 11.08 -2.90 -26.27
CA PHE B 51 11.99 -1.78 -26.38
C PHE B 51 12.45 -1.62 -27.82
N GLU B 52 12.88 -2.72 -28.47
CA GLU B 52 13.24 -2.66 -29.89
C GLU B 52 12.05 -2.22 -30.76
N GLU B 53 10.95 -2.97 -30.78
CA GLU B 53 9.93 -2.78 -31.81
C GLU B 53 9.12 -1.50 -31.59
N LEU B 54 8.93 -1.06 -30.35
CA LEU B 54 8.25 0.19 -30.08
C LEU B 54 9.21 1.37 -29.97
N GLU B 55 10.53 1.14 -30.14
CA GLU B 55 11.47 2.23 -30.35
C GLU B 55 11.65 2.99 -29.03
N ILE B 56 11.67 2.24 -27.92
CA ILE B 56 11.89 2.84 -26.62
C ILE B 56 13.39 2.83 -26.35
N PRO B 57 14.00 3.96 -25.96
CA PRO B 57 15.39 3.94 -25.50
C PRO B 57 15.67 3.05 -24.29
N ASP B 58 16.89 2.51 -24.26
CA ASP B 58 17.38 1.75 -23.14
C ASP B 58 17.01 2.46 -21.83
N PRO B 59 16.57 1.68 -20.82
CA PRO B 59 16.33 2.20 -19.49
C PRO B 59 17.57 2.89 -18.94
N ASP B 60 17.35 3.94 -18.15
CA ASP B 60 18.45 4.57 -17.44
C ASP B 60 18.87 3.67 -16.28
N TYR B 61 17.95 2.84 -15.76
CA TYR B 61 18.30 1.88 -14.72
C TYR B 61 17.62 0.54 -15.02
N HIS B 62 18.33 -0.55 -14.68
CA HIS B 62 17.76 -1.87 -14.75
C HIS B 62 18.15 -2.58 -13.46
N LEU B 63 17.14 -2.85 -12.62
CA LEU B 63 17.38 -3.29 -11.25
C LEU B 63 17.53 -4.80 -11.21
N GLY B 64 17.10 -5.49 -12.25
CA GLY B 64 17.36 -6.91 -12.38
C GLY B 64 16.68 -7.72 -11.27
N ILE B 65 15.44 -7.37 -10.94
CA ILE B 65 14.70 -8.07 -9.90
C ILE B 65 13.50 -8.74 -10.56
N GLY B 66 13.36 -10.05 -10.36
CA GLY B 66 12.31 -10.82 -11.00
C GLY B 66 12.39 -12.30 -10.67
N GLY B 67 11.25 -13.01 -10.78
CA GLY B 67 11.21 -14.44 -10.61
C GLY B 67 10.93 -14.91 -9.19
N GLY B 68 10.85 -13.94 -8.26
CA GLY B 68 10.66 -14.21 -6.84
C GLY B 68 9.18 -14.27 -6.45
N THR B 69 8.93 -14.41 -5.14
CA THR B 69 7.60 -14.29 -4.57
C THR B 69 7.09 -12.84 -4.73
N HIS B 70 5.82 -12.61 -4.41
CA HIS B 70 5.35 -11.24 -4.20
C HIS B 70 6.31 -10.50 -3.26
N GLY B 71 6.71 -11.19 -2.18
CA GLY B 71 7.39 -10.56 -1.05
C GLY B 71 8.83 -10.17 -1.39
N GLN B 72 9.55 -11.10 -2.05
CA GLN B 72 10.86 -10.87 -2.61
C GLN B 72 10.84 -9.76 -3.67
N ASN B 73 10.05 -9.95 -4.71
CA ASN B 73 10.04 -9.01 -5.80
C ASN B 73 9.64 -7.62 -5.30
N THR B 74 8.44 -7.49 -4.72
CA THR B 74 7.95 -6.20 -4.26
C THR B 74 8.99 -5.59 -3.30
N GLY B 75 9.38 -6.36 -2.29
CA GLY B 75 10.28 -5.87 -1.25
C GLY B 75 11.62 -5.39 -1.82
N ARG B 76 12.22 -6.19 -2.71
CA ARG B 76 13.52 -5.81 -3.24
C ARG B 76 13.37 -4.64 -4.19
N MET B 77 12.26 -4.60 -4.94
CA MET B 77 12.01 -3.48 -5.83
C MET B 77 11.88 -2.19 -5.01
N LEU B 78 11.15 -2.27 -3.88
CA LEU B 78 10.89 -1.12 -3.05
C LEU B 78 12.21 -0.45 -2.69
N GLU B 79 13.12 -1.25 -2.10
CA GLU B 79 14.42 -0.77 -1.65
C GLU B 79 15.24 -0.22 -2.82
N ALA B 80 15.34 -0.98 -3.93
CA ALA B 80 16.18 -0.55 -5.03
C ALA B 80 15.61 0.72 -5.69
N ILE B 81 14.29 0.78 -5.95
CA ILE B 81 13.75 1.97 -6.56
C ILE B 81 14.05 3.19 -5.67
N GLU B 82 13.83 3.07 -4.34
CA GLU B 82 14.15 4.15 -3.41
C GLU B 82 15.58 4.66 -3.63
N GLY B 83 16.53 3.73 -3.73
CA GLY B 83 17.89 4.06 -4.10
C GLY B 83 17.93 4.99 -5.32
N VAL B 84 17.37 4.56 -6.45
CA VAL B 84 17.42 5.42 -7.62
C VAL B 84 16.81 6.79 -7.30
N LEU B 85 15.69 6.81 -6.58
CA LEU B 85 14.97 8.04 -6.36
C LEU B 85 15.76 9.03 -5.51
N LEU B 86 16.53 8.54 -4.55
CA LEU B 86 17.34 9.44 -3.73
C LEU B 86 18.42 10.09 -4.61
N LYS B 87 19.03 9.33 -5.55
CA LYS B 87 20.04 9.86 -6.45
C LYS B 87 19.38 10.84 -7.42
N GLU B 88 18.27 10.44 -8.03
CA GLU B 88 17.76 11.19 -9.16
C GLU B 88 16.91 12.36 -8.66
N LYS B 89 16.28 12.20 -7.50
CA LYS B 89 15.50 13.26 -6.91
C LYS B 89 14.55 13.86 -7.96
N PRO B 90 13.64 13.05 -8.57
CA PRO B 90 12.71 13.55 -9.58
C PRO B 90 11.59 14.40 -8.98
N ASP B 91 10.93 15.17 -9.85
CA ASP B 91 9.78 15.97 -9.49
C ASP B 91 8.51 15.09 -9.49
N TRP B 92 8.40 14.17 -10.45
CA TRP B 92 7.27 13.24 -10.55
C TRP B 92 7.82 11.82 -10.68
N VAL B 93 7.10 10.87 -10.08
CA VAL B 93 7.23 9.46 -10.42
C VAL B 93 5.93 9.03 -11.08
N LEU B 94 6.03 8.52 -12.32
CA LEU B 94 4.93 7.90 -13.04
C LEU B 94 4.98 6.39 -12.82
N VAL B 95 3.88 5.81 -12.34
CA VAL B 95 3.73 4.37 -12.29
C VAL B 95 2.52 3.98 -13.11
N TYR B 96 2.58 2.75 -13.65
CA TYR B 96 1.64 2.31 -14.65
C TYR B 96 0.91 1.04 -14.20
N GLY B 97 -0.40 0.96 -14.49
CA GLY B 97 -1.12 -0.29 -14.34
C GLY B 97 -1.14 -0.81 -12.91
N ASN B 98 -0.83 -2.10 -12.69
CA ASN B 98 -1.06 -2.68 -11.37
C ASN B 98 -0.20 -3.93 -11.14
N THR B 99 1.06 -3.86 -11.55
CA THR B 99 1.99 -4.92 -11.26
C THR B 99 2.63 -4.62 -9.93
N ASP B 100 3.31 -5.64 -9.39
CA ASP B 100 4.08 -5.53 -8.18
C ASP B 100 5.10 -4.41 -8.34
N SER B 101 5.67 -4.25 -9.54
CA SER B 101 6.54 -3.13 -9.84
C SER B 101 5.86 -1.78 -9.62
N THR B 102 4.60 -1.63 -10.03
CA THR B 102 3.82 -0.42 -9.79
C THR B 102 3.76 -0.08 -8.31
N LEU B 103 3.42 -1.04 -7.47
CA LEU B 103 3.22 -0.75 -6.06
C LEU B 103 4.57 -0.39 -5.45
N ALA B 104 5.61 -1.14 -5.82
CA ALA B 104 6.94 -0.85 -5.31
C ALA B 104 7.36 0.58 -5.66
N GLY B 105 7.08 1.01 -6.89
CA GLY B 105 7.41 2.36 -7.31
C GLY B 105 6.71 3.43 -6.47
N ALA B 106 5.43 3.21 -6.21
CA ALA B 106 4.59 4.20 -5.54
C ALA B 106 5.03 4.31 -4.08
N LEU B 107 5.26 3.17 -3.46
CA LEU B 107 5.66 3.14 -2.07
C LEU B 107 7.04 3.76 -1.85
N ALA B 108 7.94 3.50 -2.80
CA ALA B 108 9.27 4.10 -2.81
C ALA B 108 9.16 5.62 -2.80
N ALA B 109 8.34 6.14 -3.71
CA ALA B 109 8.23 7.57 -3.93
C ALA B 109 7.48 8.27 -2.81
N VAL B 110 6.31 7.73 -2.45
CA VAL B 110 5.41 8.49 -1.59
C VAL B 110 6.09 8.76 -0.25
N LYS B 111 6.91 7.85 0.30
CA LYS B 111 7.54 8.09 1.59
C LYS B 111 8.69 9.12 1.47
N LEU B 112 9.17 9.36 0.25
CA LEU B 112 10.16 10.40 0.01
C LEU B 112 9.49 11.73 -0.32
N HIS B 113 8.16 11.77 -0.25
CA HIS B 113 7.41 12.98 -0.56
C HIS B 113 7.59 13.38 -2.02
N ILE B 114 7.85 12.41 -2.89
CA ILE B 114 7.84 12.63 -4.31
C ILE B 114 6.42 12.36 -4.84
N PRO B 115 5.77 13.35 -5.50
CA PRO B 115 4.47 13.14 -6.14
C PRO B 115 4.46 11.99 -7.12
N VAL B 116 3.50 11.09 -6.90
CA VAL B 116 3.23 9.96 -7.77
C VAL B 116 1.98 10.19 -8.63
N ALA B 117 2.12 9.96 -9.96
CA ALA B 117 1.00 9.98 -10.88
C ALA B 117 0.77 8.55 -11.41
N HIS B 118 -0.46 8.05 -11.23
CA HIS B 118 -0.87 6.71 -11.66
C HIS B 118 -1.55 6.74 -13.01
N VAL B 119 -0.87 6.18 -14.02
CA VAL B 119 -1.43 6.02 -15.34
C VAL B 119 -2.18 4.68 -15.38
N GLU B 120 -3.47 4.75 -15.73
CA GLU B 120 -4.47 3.71 -15.60
C GLU B 120 -4.84 3.50 -14.14
N ALA B 121 -5.62 4.46 -13.63
CA ALA B 121 -6.00 4.53 -12.25
C ALA B 121 -7.49 4.23 -12.07
N GLY B 122 -7.81 3.67 -10.92
CA GLY B 122 -9.18 3.52 -10.48
C GLY B 122 -9.90 2.25 -10.97
N LEU B 123 -9.23 1.35 -11.72
CA LEU B 123 -9.86 0.11 -12.14
C LEU B 123 -10.06 -0.79 -10.92
N ARG B 124 -11.21 -1.47 -10.83
CA ARG B 124 -11.45 -2.42 -9.76
C ARG B 124 -12.02 -3.73 -10.30
N SER B 125 -11.47 -4.86 -9.83
CA SER B 125 -12.04 -6.17 -10.07
C SER B 125 -13.08 -6.53 -9.01
N PHE B 126 -12.94 -5.95 -7.82
CA PHE B 126 -13.73 -6.31 -6.64
C PHE B 126 -13.38 -7.72 -6.21
N ASN B 127 -12.21 -8.18 -6.62
CA ASN B 127 -11.77 -9.51 -6.25
C ASN B 127 -10.43 -9.37 -5.56
N ARG B 128 -10.40 -9.28 -4.23
CA ARG B 128 -9.18 -8.90 -3.53
C ARG B 128 -8.15 -10.03 -3.57
N ARG B 129 -8.56 -11.25 -3.90
CA ARG B 129 -7.59 -12.32 -4.01
C ARG B 129 -6.61 -12.03 -5.16
N MET B 130 -7.03 -11.21 -6.13
CA MET B 130 -6.14 -10.85 -7.22
C MET B 130 -5.04 -9.95 -6.67
N PRO B 131 -3.74 -10.29 -6.82
CA PRO B 131 -2.68 -9.39 -6.42
C PRO B 131 -2.79 -8.05 -7.13
N GLU B 132 -3.34 -8.04 -8.35
CA GLU B 132 -3.38 -6.80 -9.12
C GLU B 132 -4.45 -5.86 -8.56
N GLU B 133 -5.42 -6.40 -7.81
CA GLU B 133 -6.44 -5.59 -7.18
C GLU B 133 -5.84 -4.86 -5.98
N ILE B 134 -5.11 -5.58 -5.14
CA ILE B 134 -4.32 -4.98 -4.09
C ILE B 134 -3.45 -3.83 -4.63
N ASN B 135 -2.61 -4.16 -5.63
CA ASN B 135 -1.71 -3.23 -6.26
C ASN B 135 -2.41 -1.93 -6.72
N ARG B 136 -3.57 -2.02 -7.39
CA ARG B 136 -4.14 -0.79 -7.93
C ARG B 136 -4.81 0.04 -6.82
N ILE B 137 -5.48 -0.62 -5.87
CA ILE B 137 -6.06 0.06 -4.72
C ILE B 137 -4.99 0.82 -3.96
N LEU B 138 -3.90 0.14 -3.56
CA LEU B 138 -2.86 0.76 -2.77
C LEU B 138 -2.12 1.83 -3.58
N THR B 139 -1.85 1.55 -4.87
CA THR B 139 -1.21 2.53 -5.76
C THR B 139 -2.08 3.80 -5.82
N ASP B 140 -3.37 3.64 -6.09
CA ASP B 140 -4.25 4.79 -6.25
C ASP B 140 -4.30 5.68 -5.01
N HIS B 141 -4.27 5.05 -3.83
CA HIS B 141 -4.39 5.81 -2.59
C HIS B 141 -3.05 6.40 -2.23
N ALA B 142 -2.01 6.00 -2.97
CA ALA B 142 -0.68 6.52 -2.74
C ALA B 142 -0.40 7.64 -3.72
N SER B 143 -1.33 7.90 -4.65
CA SER B 143 -1.01 8.74 -5.79
C SER B 143 -1.49 10.17 -5.55
N ASP B 144 -0.88 11.12 -6.25
CA ASP B 144 -1.29 12.51 -6.18
C ASP B 144 -2.12 12.88 -7.40
N LEU B 145 -1.78 12.29 -8.55
CA LEU B 145 -2.60 12.41 -9.74
C LEU B 145 -3.06 11.02 -10.14
N LEU B 146 -4.32 10.92 -10.54
CA LEU B 146 -4.89 9.65 -10.99
C LEU B 146 -5.46 9.80 -12.39
N PHE B 147 -4.77 9.17 -13.36
CA PHE B 147 -5.16 9.24 -14.76
C PHE B 147 -6.03 8.02 -15.07
N ALA B 148 -7.34 8.25 -15.02
CA ALA B 148 -8.37 7.24 -15.20
C ALA B 148 -8.66 7.08 -16.68
N PRO B 149 -8.90 5.83 -17.13
CA PRO B 149 -9.24 5.58 -18.53
C PRO B 149 -10.72 5.54 -18.91
N THR B 150 -11.57 5.36 -17.91
CA THR B 150 -13.00 5.19 -18.10
C THR B 150 -13.73 5.91 -16.97
N GLU B 151 -15.03 6.09 -17.16
CA GLU B 151 -15.88 6.84 -16.24
C GLU B 151 -16.15 5.92 -15.05
N THR B 152 -16.18 4.61 -15.31
CA THR B 152 -16.31 3.66 -14.22
C THR B 152 -15.16 3.89 -13.25
N ALA B 153 -13.94 4.00 -13.79
CA ALA B 153 -12.75 4.16 -12.97
C ALA B 153 -12.81 5.48 -12.20
N VAL B 154 -13.36 6.53 -12.80
CA VAL B 154 -13.54 7.79 -12.10
C VAL B 154 -14.43 7.54 -10.87
N GLN B 155 -15.52 6.83 -11.10
CA GLN B 155 -16.54 6.65 -10.08
C GLN B 155 -15.97 5.79 -8.96
N ASN B 156 -15.13 4.81 -9.30
CA ASN B 156 -14.52 3.97 -8.29
C ASN B 156 -13.69 4.82 -7.34
N LEU B 157 -12.90 5.74 -7.89
CA LEU B 157 -11.98 6.52 -7.08
C LEU B 157 -12.77 7.45 -6.18
N LEU B 158 -13.78 8.13 -6.73
CA LEU B 158 -14.62 9.01 -5.95
C LEU B 158 -15.23 8.20 -4.82
N ARG B 159 -15.70 6.97 -5.09
CA ARG B 159 -16.35 6.18 -4.06
C ARG B 159 -15.36 5.90 -2.92
N GLU B 160 -14.07 5.82 -3.24
CA GLU B 160 -13.09 5.52 -2.20
C GLU B 160 -12.60 6.82 -1.55
N GLY B 161 -13.33 7.91 -1.75
CA GLY B 161 -13.07 9.18 -1.10
C GLY B 161 -11.77 9.81 -1.60
N ILE B 162 -11.55 9.73 -2.91
CA ILE B 162 -10.45 10.46 -3.51
C ILE B 162 -10.99 11.75 -4.12
N PRO B 163 -10.37 12.92 -3.83
CA PRO B 163 -10.92 14.20 -4.26
C PRO B 163 -10.92 14.29 -5.78
N GLU B 164 -11.95 14.95 -6.30
CA GLU B 164 -12.15 15.12 -7.72
C GLU B 164 -11.02 15.89 -8.40
N ASN B 165 -10.33 16.75 -7.64
CA ASN B 165 -9.31 17.64 -8.21
C ASN B 165 -8.06 16.86 -8.61
N ARG B 166 -7.90 15.65 -8.05
CA ARG B 166 -6.74 14.80 -8.28
C ARG B 166 -7.00 13.76 -9.37
N ILE B 167 -8.25 13.65 -9.86
CA ILE B 167 -8.65 12.63 -10.81
C ILE B 167 -8.82 13.26 -12.19
N HIS B 168 -8.21 12.65 -13.20
CA HIS B 168 -8.38 13.13 -14.56
C HIS B 168 -8.76 11.97 -15.49
N LEU B 169 -9.88 12.13 -16.20
CA LEU B 169 -10.32 11.18 -17.20
C LEU B 169 -9.60 11.54 -18.49
N VAL B 170 -8.63 10.71 -18.88
CA VAL B 170 -7.77 11.01 -20.01
C VAL B 170 -7.93 9.91 -21.06
N GLY B 171 -8.71 8.87 -20.79
CA GLY B 171 -8.80 7.74 -21.69
C GLY B 171 -7.56 6.87 -21.57
N ASP B 172 -7.31 6.06 -22.61
CA ASP B 172 -6.34 4.98 -22.48
C ASP B 172 -5.15 5.11 -23.44
N VAL B 173 -3.93 5.07 -22.86
CA VAL B 173 -2.71 5.29 -23.63
C VAL B 173 -2.41 4.09 -24.50
N MET B 174 -3.05 2.96 -24.18
CA MET B 174 -2.88 1.75 -24.97
C MET B 174 -3.70 1.84 -26.24
N TYR B 175 -4.68 2.74 -26.24
CA TYR B 175 -5.35 3.05 -27.48
C TYR B 175 -4.45 3.96 -28.32
N ASP B 176 -3.72 4.89 -27.65
CA ASP B 176 -2.76 5.76 -28.31
C ASP B 176 -1.72 4.88 -29.00
N ALA B 177 -1.34 3.80 -28.30
CA ALA B 177 -0.25 2.97 -28.76
C ALA B 177 -0.73 2.18 -29.97
N ALA B 178 -1.97 1.66 -29.91
CA ALA B 178 -2.50 0.86 -30.99
C ALA B 178 -2.62 1.70 -32.26
N LEU B 179 -3.13 2.92 -32.10
CA LEU B 179 -3.26 3.85 -33.21
C LEU B 179 -1.91 4.14 -33.83
N HIS B 180 -0.91 4.38 -32.96
CA HIS B 180 0.37 4.94 -33.38
C HIS B 180 1.20 3.87 -34.09
N TYR B 181 1.19 2.62 -33.59
CA TYR B 181 2.10 1.56 -34.01
C TYR B 181 1.46 0.68 -35.07
N GLY B 182 0.23 1.03 -35.46
CA GLY B 182 -0.62 0.22 -36.32
C GLY B 182 0.01 0.05 -37.69
N ALA B 183 0.49 1.16 -38.25
CA ALA B 183 1.05 1.11 -39.60
C ALA B 183 2.34 0.31 -39.57
N LYS B 184 3.09 0.40 -38.48
CA LYS B 184 4.34 -0.33 -38.42
C LYS B 184 4.06 -1.82 -38.35
N ALA B 185 3.01 -2.21 -37.62
CA ALA B 185 2.68 -3.63 -37.50
C ALA B 185 2.31 -4.18 -38.88
N GLU B 186 1.43 -3.45 -39.56
CA GLU B 186 0.85 -3.88 -40.82
C GLU B 186 1.95 -3.98 -41.88
N ARG B 187 2.97 -3.12 -41.79
CA ARG B 187 4.09 -3.18 -42.71
C ARG B 187 5.06 -4.31 -42.34
N LYS B 188 5.32 -4.58 -41.06
CA LYS B 188 6.48 -5.38 -40.70
C LYS B 188 6.14 -6.81 -40.28
N SER B 189 4.95 -7.05 -39.74
CA SER B 189 4.66 -8.38 -39.25
C SER B 189 4.34 -9.33 -40.40
N ARG B 190 4.95 -10.51 -40.35
CA ARG B 190 4.61 -11.56 -41.29
C ARG B 190 4.22 -12.79 -40.49
N ILE B 191 3.49 -12.60 -39.38
CA ILE B 191 3.19 -13.73 -38.53
C ILE B 191 2.10 -14.55 -39.18
N LEU B 192 1.15 -13.88 -39.83
CA LEU B 192 0.11 -14.63 -40.53
C LEU B 192 0.75 -15.55 -41.56
N GLU B 193 1.64 -14.99 -42.39
CA GLU B 193 2.41 -15.73 -43.39
C GLU B 193 3.07 -16.96 -42.75
N ARG B 194 3.92 -16.77 -41.74
CA ARG B 194 4.68 -17.87 -41.13
C ARG B 194 3.79 -18.97 -40.54
N LEU B 195 2.57 -18.63 -40.07
CA LEU B 195 1.69 -19.62 -39.46
C LEU B 195 0.80 -20.25 -40.53
N GLY B 196 0.74 -19.59 -41.68
CA GLY B 196 -0.14 -20.01 -42.75
C GLY B 196 -1.60 -19.81 -42.37
N LEU B 197 -1.92 -18.57 -41.99
CA LEU B 197 -3.27 -18.24 -41.55
C LEU B 197 -3.80 -17.07 -42.38
N GLN B 198 -5.11 -17.04 -42.52
CA GLN B 198 -5.82 -16.01 -43.25
C GLN B 198 -6.68 -15.24 -42.26
N ALA B 199 -7.20 -14.09 -42.71
CA ALA B 199 -8.15 -13.30 -41.95
C ALA B 199 -9.33 -14.17 -41.53
N LYS B 200 -9.67 -14.11 -40.23
CA LYS B 200 -10.87 -14.70 -39.66
C LYS B 200 -10.88 -16.22 -39.79
N GLY B 201 -9.71 -16.84 -39.92
CA GLY B 201 -9.61 -18.29 -39.96
C GLY B 201 -8.94 -18.86 -38.71
N TYR B 202 -9.04 -18.12 -37.60
CA TYR B 202 -8.54 -18.60 -36.32
C TYR B 202 -9.11 -17.76 -35.18
N VAL B 203 -8.92 -18.30 -34.00
CA VAL B 203 -9.19 -17.64 -32.74
C VAL B 203 -7.83 -17.35 -32.10
N LEU B 204 -7.71 -16.16 -31.51
CA LEU B 204 -6.50 -15.84 -30.74
C LEU B 204 -6.76 -16.05 -29.24
N ALA B 205 -5.82 -16.69 -28.55
CA ALA B 205 -5.97 -16.94 -27.13
C ALA B 205 -4.71 -16.54 -26.37
N THR B 206 -4.90 -15.88 -25.22
CA THR B 206 -3.85 -15.68 -24.23
C THR B 206 -4.44 -15.88 -22.83
N ILE B 207 -3.65 -16.51 -21.96
CA ILE B 207 -4.05 -16.86 -20.60
C ILE B 207 -2.82 -16.72 -19.70
N HIS B 208 -2.91 -15.91 -18.63
CA HIS B 208 -1.83 -15.82 -17.64
C HIS B 208 -2.27 -15.34 -16.25
N ARG B 209 -3.56 -15.12 -15.98
CA ARG B 209 -3.96 -14.68 -14.66
C ARG B 209 -3.53 -15.73 -13.65
N ALA B 210 -2.95 -15.29 -12.55
CA ALA B 210 -2.50 -16.21 -11.53
C ALA B 210 -3.63 -17.17 -11.12
N GLU B 211 -4.87 -16.65 -11.10
CA GLU B 211 -5.98 -17.44 -10.60
C GLU B 211 -6.38 -18.51 -11.62
N ASN B 212 -5.89 -18.40 -12.86
CA ASN B 212 -6.17 -19.41 -13.86
C ASN B 212 -5.02 -20.41 -13.92
N THR B 213 -3.79 -19.96 -13.67
CA THR B 213 -2.62 -20.75 -13.97
C THR B 213 -2.15 -21.54 -12.76
N ASP B 214 -2.49 -21.07 -11.56
CA ASP B 214 -1.90 -21.63 -10.34
C ASP B 214 -2.80 -22.72 -9.75
N ASP B 215 -4.01 -22.85 -10.32
CA ASP B 215 -4.99 -23.86 -9.95
C ASP B 215 -5.05 -24.90 -11.06
N GLN B 216 -4.67 -26.15 -10.74
CA GLN B 216 -4.50 -27.14 -11.79
C GLN B 216 -5.81 -27.32 -12.56
N GLU B 217 -6.94 -27.26 -11.86
CA GLU B 217 -8.18 -27.71 -12.47
C GLU B 217 -8.69 -26.60 -13.37
N ARG B 218 -8.44 -25.34 -13.00
CA ARG B 218 -8.88 -24.22 -13.81
C ARG B 218 -8.10 -24.25 -15.11
N LEU B 219 -6.79 -24.45 -15.00
CA LEU B 219 -5.90 -24.46 -16.17
C LEU B 219 -6.28 -25.59 -17.11
N ARG B 220 -6.51 -26.81 -16.55
CA ARG B 220 -6.94 -27.95 -17.35
C ARG B 220 -8.23 -27.59 -18.09
N VAL B 221 -9.17 -27.02 -17.35
CA VAL B 221 -10.42 -26.64 -17.97
C VAL B 221 -10.11 -25.78 -19.20
N ILE B 222 -9.06 -24.95 -19.14
CA ILE B 222 -8.84 -23.93 -20.18
C ILE B 222 -8.17 -24.60 -21.38
N LEU B 223 -7.10 -25.34 -21.10
CA LEU B 223 -6.31 -25.94 -22.16
C LEU B 223 -7.19 -26.90 -22.96
N GLU B 224 -8.07 -27.60 -22.24
CA GLU B 224 -8.91 -28.61 -22.84
C GLU B 224 -10.01 -27.96 -23.69
N ALA B 225 -10.58 -26.87 -23.19
CA ALA B 225 -11.59 -26.15 -23.95
C ALA B 225 -10.96 -25.56 -25.21
N LEU B 226 -9.71 -25.10 -25.13
CA LEU B 226 -9.03 -24.53 -26.28
C LEU B 226 -8.81 -25.63 -27.33
N ALA B 227 -8.38 -26.82 -26.88
CA ALA B 227 -8.12 -27.95 -27.76
C ALA B 227 -9.38 -28.36 -28.52
N GLU B 228 -10.52 -28.41 -27.83
CA GLU B 228 -11.79 -28.75 -28.46
C GLU B 228 -12.14 -27.67 -29.47
N VAL B 229 -12.01 -26.42 -29.04
CA VAL B 229 -12.30 -25.30 -29.93
C VAL B 229 -11.44 -25.42 -31.19
N HIS B 230 -10.17 -25.77 -31.01
CA HIS B 230 -9.19 -25.92 -32.07
C HIS B 230 -9.67 -26.86 -33.18
N GLN B 231 -10.41 -27.93 -32.82
CA GLN B 231 -10.88 -28.93 -33.78
C GLN B 231 -11.82 -28.29 -34.80
N GLU B 232 -12.51 -27.22 -34.40
CA GLU B 232 -13.49 -26.58 -35.25
C GLU B 232 -12.90 -25.32 -35.89
N VAL B 233 -12.06 -24.60 -35.14
CA VAL B 233 -11.42 -23.38 -35.63
C VAL B 233 -10.01 -23.32 -35.06
N PRO B 234 -8.97 -23.22 -35.91
CA PRO B 234 -7.60 -23.19 -35.39
C PRO B 234 -7.46 -22.13 -34.30
N VAL B 235 -6.74 -22.51 -33.23
CA VAL B 235 -6.52 -21.67 -32.08
C VAL B 235 -5.03 -21.34 -32.02
N VAL B 236 -4.74 -20.04 -32.01
CA VAL B 236 -3.37 -19.56 -31.92
C VAL B 236 -3.11 -19.09 -30.50
N PHE B 237 -2.12 -19.66 -29.83
CA PHE B 237 -1.98 -19.43 -28.40
C PHE B 237 -0.54 -19.03 -28.12
N PRO B 238 -0.20 -17.73 -28.10
CA PRO B 238 1.07 -17.29 -27.52
C PRO B 238 0.98 -17.49 -26.01
N VAL B 239 1.99 -18.19 -25.47
CA VAL B 239 1.89 -18.73 -24.13
C VAL B 239 2.83 -17.96 -23.20
N HIS B 240 2.22 -17.28 -22.22
CA HIS B 240 2.92 -16.52 -21.20
C HIS B 240 3.90 -17.44 -20.49
N PRO B 241 5.14 -16.98 -20.14
CA PRO B 241 6.11 -17.84 -19.46
C PRO B 241 5.63 -18.43 -18.13
N ARG B 242 4.76 -17.73 -17.38
CA ARG B 242 4.24 -18.31 -16.17
C ARG B 242 3.29 -19.45 -16.52
N THR B 243 2.51 -19.29 -17.60
CA THR B 243 1.51 -20.27 -18.00
C THR B 243 2.18 -21.57 -18.45
N ARG B 244 3.31 -21.44 -19.14
CA ARG B 244 4.03 -22.59 -19.66
C ARG B 244 4.60 -23.39 -18.48
N LYS B 245 5.22 -22.66 -17.55
CA LYS B 245 5.83 -23.24 -16.36
C LYS B 245 4.80 -24.02 -15.54
N ARG B 246 3.57 -23.48 -15.42
CA ARG B 246 2.49 -24.12 -14.68
C ARG B 246 1.91 -25.30 -15.46
N ALA B 247 1.67 -25.11 -16.76
CA ALA B 247 1.20 -26.20 -17.59
C ALA B 247 2.14 -27.40 -17.45
N GLU B 248 3.46 -27.16 -17.50
CA GLU B 248 4.47 -28.21 -17.45
C GLU B 248 4.44 -28.91 -16.08
N ALA B 249 4.44 -28.09 -15.02
CA ALA B 249 4.47 -28.58 -13.65
C ALA B 249 3.28 -29.46 -13.33
N PHE B 250 2.13 -29.17 -13.95
CA PHE B 250 0.89 -29.84 -13.64
C PHE B 250 0.69 -31.07 -14.53
N GLY B 251 1.64 -31.29 -15.46
CA GLY B 251 1.57 -32.36 -16.44
C GLY B 251 0.53 -32.10 -17.54
N LEU B 252 0.37 -30.82 -17.91
CA LEU B 252 -0.63 -30.45 -18.91
C LEU B 252 0.05 -30.10 -20.21
N GLY B 253 1.37 -30.33 -20.25
CA GLY B 253 2.15 -30.09 -21.45
C GLY B 253 1.39 -30.48 -22.71
N SER B 254 0.80 -31.68 -22.69
CA SER B 254 0.34 -32.31 -23.91
C SER B 254 -0.76 -31.49 -24.59
N TYR B 255 -1.50 -30.68 -23.79
CA TYR B 255 -2.62 -29.92 -24.29
C TYR B 255 -2.17 -28.79 -25.21
N LEU B 256 -0.92 -28.34 -25.05
CA LEU B 256 -0.37 -27.27 -25.86
C LEU B 256 -0.10 -27.78 -27.29
N GLU B 257 0.03 -29.11 -27.48
CA GLU B 257 0.25 -29.68 -28.80
C GLU B 257 -1.04 -29.69 -29.59
N LYS B 258 -2.19 -29.67 -28.91
CA LYS B 258 -3.45 -29.76 -29.62
C LYS B 258 -3.88 -28.37 -30.15
N VAL B 259 -3.03 -27.35 -29.98
CA VAL B 259 -3.28 -26.03 -30.56
C VAL B 259 -1.98 -25.50 -31.15
N VAL B 260 -2.08 -24.32 -31.78
CA VAL B 260 -0.94 -23.61 -32.31
C VAL B 260 -0.35 -22.75 -31.19
N ALA B 261 0.49 -23.39 -30.38
CA ALA B 261 1.07 -22.76 -29.19
C ALA B 261 2.37 -22.10 -29.58
N LEU B 262 2.48 -20.81 -29.32
CA LEU B 262 3.69 -20.05 -29.61
C LEU B 262 4.33 -19.55 -28.32
N GLU B 263 5.61 -19.18 -28.45
CA GLU B 263 6.22 -18.35 -27.44
C GLU B 263 5.60 -16.95 -27.44
N PRO B 264 5.75 -16.17 -26.34
CA PRO B 264 5.32 -14.76 -26.32
C PRO B 264 5.81 -14.06 -27.58
N VAL B 265 4.89 -13.36 -28.25
CA VAL B 265 5.20 -12.64 -29.48
C VAL B 265 5.36 -11.15 -29.16
N GLY B 266 6.00 -10.41 -30.09
CA GLY B 266 6.11 -8.98 -30.00
C GLY B 266 4.79 -8.25 -30.27
N TYR B 267 4.76 -6.94 -29.98
CA TYR B 267 3.55 -6.14 -30.10
C TYR B 267 3.10 -6.12 -31.56
N LEU B 268 4.04 -6.01 -32.50
CA LEU B 268 3.67 -5.85 -33.89
C LEU B 268 2.98 -7.12 -34.39
N ASP B 269 3.60 -8.28 -34.16
CA ASP B 269 2.93 -9.55 -34.47
C ASP B 269 1.55 -9.59 -33.79
N MET B 270 1.51 -9.13 -32.53
CA MET B 270 0.30 -9.32 -31.72
C MET B 270 -0.84 -8.50 -32.30
N VAL B 271 -0.51 -7.27 -32.72
CA VAL B 271 -1.52 -6.44 -33.36
C VAL B 271 -2.17 -7.21 -34.52
N MET B 272 -1.36 -7.83 -35.35
CA MET B 272 -1.78 -8.49 -36.58
CA MET B 272 -1.86 -8.43 -36.56
C MET B 272 -2.68 -9.68 -36.23
N LEU B 273 -2.25 -10.47 -35.24
CA LEU B 273 -3.09 -11.58 -34.79
C LEU B 273 -4.44 -11.09 -34.29
N GLU B 274 -4.46 -10.01 -33.50
CA GLU B 274 -5.71 -9.54 -32.91
C GLU B 274 -6.60 -9.04 -34.03
N LYS B 275 -5.98 -8.28 -34.92
CA LYS B 275 -6.71 -7.59 -35.97
C LYS B 275 -7.42 -8.61 -36.86
N ASN B 276 -6.81 -9.79 -37.07
CA ASN B 276 -7.24 -10.68 -38.14
C ASN B 276 -7.93 -11.92 -37.56
N ALA B 277 -8.29 -11.88 -36.28
CA ALA B 277 -8.88 -13.03 -35.63
C ALA B 277 -10.40 -13.00 -35.79
N ARG B 278 -10.98 -14.20 -35.76
CA ARG B 278 -12.42 -14.37 -35.76
C ARG B 278 -12.98 -14.05 -34.38
N LEU B 279 -12.15 -14.31 -33.35
CA LEU B 279 -12.49 -14.08 -31.97
C LEU B 279 -11.23 -14.13 -31.12
N ILE B 280 -11.22 -13.29 -30.07
CA ILE B 280 -10.13 -13.32 -29.10
C ILE B 280 -10.67 -13.96 -27.83
N VAL B 281 -9.91 -14.88 -27.24
CA VAL B 281 -10.25 -15.41 -25.93
C VAL B 281 -9.06 -15.16 -25.01
N THR B 282 -9.31 -14.46 -23.89
CA THR B 282 -8.20 -14.02 -23.08
C THR B 282 -8.57 -13.89 -21.62
N ASP B 283 -7.56 -13.92 -20.76
CA ASP B 283 -7.72 -13.46 -19.39
C ASP B 283 -6.88 -12.20 -19.16
N SER B 284 -6.43 -11.55 -20.26
CA SER B 284 -5.60 -10.37 -20.19
C SER B 284 -6.46 -9.11 -20.05
N GLY B 285 -5.94 -8.13 -19.29
CA GLY B 285 -6.57 -6.82 -19.27
C GLY B 285 -6.54 -6.13 -20.64
N GLY B 286 -5.34 -5.87 -21.13
CA GLY B 286 -5.13 -5.06 -22.32
C GLY B 286 -5.73 -5.67 -23.59
N VAL B 287 -5.72 -7.00 -23.68
CA VAL B 287 -6.17 -7.68 -24.88
C VAL B 287 -7.67 -7.51 -25.05
N GLN B 288 -8.40 -7.51 -23.93
CA GLN B 288 -9.84 -7.28 -23.94
C GLN B 288 -10.14 -6.02 -24.73
N LYS B 289 -9.43 -4.92 -24.43
CA LYS B 289 -9.67 -3.64 -25.09
C LYS B 289 -9.17 -3.70 -26.53
N GLU B 290 -8.00 -4.32 -26.70
CA GLU B 290 -7.42 -4.40 -28.03
C GLU B 290 -8.40 -5.11 -28.96
N ALA B 291 -9.06 -6.19 -28.50
CA ALA B 291 -10.02 -6.87 -29.36
C ALA B 291 -11.08 -5.88 -29.83
N TYR B 292 -11.62 -5.13 -28.87
CA TYR B 292 -12.58 -4.07 -29.15
C TYR B 292 -11.99 -3.03 -30.10
N PHE B 293 -10.70 -2.70 -30.02
CA PHE B 293 -10.17 -1.69 -30.93
C PHE B 293 -10.42 -2.16 -32.37
N TYR B 294 -10.20 -3.46 -32.57
CA TYR B 294 -10.22 -4.03 -33.89
C TYR B 294 -11.59 -4.64 -34.20
N ARG B 295 -12.59 -4.39 -33.33
CA ARG B 295 -13.97 -4.78 -33.55
C ARG B 295 -14.08 -6.29 -33.73
N VAL B 296 -13.32 -6.99 -32.90
CA VAL B 296 -13.30 -8.45 -32.85
C VAL B 296 -13.98 -8.88 -31.56
N PRO B 297 -14.94 -9.84 -31.63
CA PRO B 297 -15.62 -10.29 -30.42
C PRO B 297 -14.57 -10.95 -29.54
N CYS B 298 -14.83 -10.88 -28.22
CA CYS B 298 -13.86 -11.28 -27.22
C CYS B 298 -14.57 -12.14 -26.18
N VAL B 299 -13.83 -13.10 -25.62
CA VAL B 299 -14.34 -13.83 -24.47
C VAL B 299 -13.27 -13.77 -23.39
N THR B 300 -13.69 -13.30 -22.20
CA THR B 300 -12.77 -13.13 -21.09
C THR B 300 -12.94 -14.30 -20.10
N VAL B 301 -11.84 -15.03 -19.83
CA VAL B 301 -11.86 -16.27 -19.07
C VAL B 301 -11.55 -15.95 -17.62
N ARG B 302 -12.49 -15.23 -17.01
CA ARG B 302 -12.37 -14.71 -15.66
C ARG B 302 -13.76 -14.66 -15.04
N GLU B 303 -13.82 -14.49 -13.73
CA GLU B 303 -15.10 -14.36 -13.02
C GLU B 303 -15.57 -12.91 -13.11
N GLU B 304 -14.64 -12.02 -13.45
CA GLU B 304 -14.92 -10.60 -13.58
C GLU B 304 -13.88 -9.94 -14.50
N THR B 305 -14.25 -8.75 -14.98
CA THR B 305 -13.33 -7.87 -15.66
C THR B 305 -13.39 -6.45 -15.09
N GLU B 306 -12.29 -5.71 -15.29
CA GLU B 306 -12.21 -4.33 -14.87
C GLU B 306 -12.86 -3.48 -15.95
N TRP B 307 -12.92 -4.03 -17.16
CA TRP B 307 -13.29 -3.26 -18.33
C TRP B 307 -14.77 -3.47 -18.66
N VAL B 308 -15.62 -3.12 -17.70
CA VAL B 308 -17.01 -3.54 -17.70
C VAL B 308 -17.74 -2.94 -18.89
N GLU B 309 -17.23 -1.84 -19.45
CA GLU B 309 -17.91 -1.18 -20.55
C GLU B 309 -17.94 -2.11 -21.78
N LEU B 310 -16.95 -3.00 -21.90
CA LEU B 310 -16.91 -3.94 -23.01
C LEU B 310 -18.10 -4.92 -22.96
N LEU B 311 -18.59 -5.24 -21.75
CA LEU B 311 -19.68 -6.20 -21.56
C LEU B 311 -21.00 -5.52 -21.93
N LYS B 312 -21.18 -4.31 -21.40
CA LYS B 312 -22.38 -3.52 -21.68
C LYS B 312 -22.51 -3.33 -23.19
N ALA B 313 -21.40 -3.04 -23.87
CA ALA B 313 -21.39 -2.80 -25.30
C ALA B 313 -21.50 -4.12 -26.09
N GLU B 314 -21.24 -5.25 -25.39
CA GLU B 314 -21.50 -6.59 -25.91
C GLU B 314 -20.38 -7.00 -26.88
N TRP B 315 -19.18 -6.42 -26.70
CA TRP B 315 -17.98 -6.82 -27.41
C TRP B 315 -17.26 -7.90 -26.62
N ASN B 316 -17.63 -8.05 -25.35
CA ASN B 316 -16.93 -8.96 -24.47
C ASN B 316 -18.00 -9.71 -23.71
N TYR B 317 -17.60 -10.88 -23.19
CA TYR B 317 -18.49 -11.84 -22.55
C TYR B 317 -17.65 -12.68 -21.58
N LEU B 318 -18.09 -12.79 -20.32
CA LEU B 318 -17.31 -13.55 -19.35
C LEU B 318 -17.66 -15.04 -19.45
N ALA B 319 -16.63 -15.86 -19.29
CA ALA B 319 -16.82 -17.29 -19.14
C ALA B 319 -15.71 -17.83 -18.24
N ALA B 320 -15.99 -17.80 -16.94
CA ALA B 320 -15.17 -18.45 -15.95
C ALA B 320 -14.94 -19.91 -16.33
N PRO B 321 -13.70 -20.42 -16.15
CA PRO B 321 -13.37 -21.78 -16.50
C PRO B 321 -13.81 -22.79 -15.44
N GLN B 322 -15.06 -23.25 -15.50
CA GLN B 322 -15.52 -24.24 -14.55
C GLN B 322 -15.65 -25.63 -15.18
N ASN B 323 -15.98 -25.74 -16.48
CA ASN B 323 -15.94 -27.01 -17.21
C ASN B 323 -15.62 -26.75 -18.68
N ALA B 324 -14.81 -27.63 -19.29
CA ALA B 324 -14.35 -27.41 -20.65
C ALA B 324 -15.49 -27.44 -21.67
N LYS B 325 -16.58 -28.16 -21.34
CA LYS B 325 -17.71 -28.29 -22.25
C LYS B 325 -18.33 -26.92 -22.47
N ASP B 326 -18.77 -26.29 -21.39
CA ASP B 326 -19.41 -24.98 -21.46
C ASP B 326 -18.47 -23.94 -22.06
N LEU B 327 -17.18 -23.96 -21.67
CA LEU B 327 -16.25 -22.90 -22.07
C LEU B 327 -16.07 -22.95 -23.59
N ALA B 328 -15.87 -24.16 -24.11
CA ALA B 328 -15.77 -24.39 -25.55
C ALA B 328 -17.05 -23.95 -26.25
N LEU B 329 -18.22 -24.29 -25.69
CA LEU B 329 -19.48 -23.90 -26.31
C LEU B 329 -19.59 -22.38 -26.34
N THR B 330 -19.34 -21.72 -25.20
CA THR B 330 -19.45 -20.27 -25.10
C THR B 330 -18.57 -19.61 -26.18
N ILE B 331 -17.32 -20.05 -26.29
CA ILE B 331 -16.38 -19.56 -27.29
C ILE B 331 -16.93 -19.63 -28.71
N LEU B 332 -17.46 -20.79 -29.11
CA LEU B 332 -17.91 -21.04 -30.47
C LEU B 332 -19.20 -20.26 -30.78
N HIS B 333 -20.06 -20.09 -29.77
CA HIS B 333 -21.26 -19.27 -29.88
C HIS B 333 -20.89 -17.80 -30.06
N ARG B 334 -19.94 -17.26 -29.28
CA ARG B 334 -19.65 -15.83 -29.26
C ARG B 334 -18.82 -15.42 -30.48
N MET B 335 -18.21 -16.43 -31.11
CA MET B 335 -17.46 -16.29 -32.35
C MET B 335 -18.33 -15.62 -33.43
N ARG B 336 -19.66 -15.66 -33.25
CA ARG B 336 -20.63 -15.14 -34.21
C ARG B 336 -21.18 -13.77 -33.82
N THR B 337 -20.72 -13.17 -32.71
CA THR B 337 -21.32 -11.95 -32.20
C THR B 337 -20.48 -10.71 -32.52
N LYS B 338 -21.15 -9.58 -32.37
CA LYS B 338 -20.58 -8.25 -32.45
C LYS B 338 -21.21 -7.43 -31.34
N GLY B 339 -20.44 -6.54 -30.72
CA GLY B 339 -21.01 -5.53 -29.85
C GLY B 339 -21.59 -4.39 -30.69
N VAL B 340 -22.12 -3.38 -30.00
CA VAL B 340 -22.74 -2.21 -30.60
C VAL B 340 -21.62 -1.22 -30.95
N GLU B 341 -21.87 -0.31 -31.92
CA GLU B 341 -20.91 0.74 -32.22
C GLU B 341 -20.87 1.78 -31.10
N ILE B 342 -19.65 2.19 -30.71
CA ILE B 342 -19.44 3.04 -29.55
C ILE B 342 -17.98 3.45 -29.51
N ASP B 343 -17.67 4.73 -29.14
CA ASP B 343 -16.28 5.11 -28.87
C ASP B 343 -15.99 4.96 -27.38
N LEU B 344 -14.93 4.21 -27.10
CA LEU B 344 -14.35 4.15 -25.77
C LEU B 344 -12.88 4.55 -25.87
N TYR B 345 -12.35 4.98 -24.72
CA TYR B 345 -10.92 5.02 -24.45
C TYR B 345 -10.25 6.29 -24.97
N GLY B 346 -11.08 7.24 -25.43
CA GLY B 346 -10.62 8.56 -25.80
C GLY B 346 -10.24 8.62 -27.28
N ASP B 347 -9.42 9.64 -27.62
CA ASP B 347 -9.16 10.03 -28.98
C ASP B 347 -7.76 9.58 -29.42
N GLY B 348 -7.05 8.83 -28.56
CA GLY B 348 -5.71 8.36 -28.89
C GLY B 348 -4.62 9.38 -28.54
N ARG B 349 -5.00 10.41 -27.78
CA ARG B 349 -4.08 11.43 -27.32
C ARG B 349 -4.12 11.49 -25.78
N ALA B 350 -4.28 10.33 -25.14
CA ALA B 350 -4.28 10.23 -23.70
C ALA B 350 -2.94 10.72 -23.16
N SER B 351 -1.88 10.31 -23.86
CA SER B 351 -0.54 10.59 -23.38
C SER B 351 -0.31 12.10 -23.38
N GLN B 352 -0.96 12.79 -24.31
CA GLN B 352 -0.78 14.23 -24.47
C GLN B 352 -1.48 14.92 -23.29
N LYS B 353 -2.68 14.45 -22.94
CA LYS B 353 -3.40 15.01 -21.80
C LYS B 353 -2.59 14.79 -20.52
N ILE B 354 -2.03 13.58 -20.39
CA ILE B 354 -1.26 13.21 -19.21
C ILE B 354 -0.06 14.14 -19.07
N SER B 355 0.70 14.30 -20.16
CA SER B 355 1.86 15.17 -20.18
C SER B 355 1.51 16.59 -19.75
N ASP B 356 0.36 17.08 -20.22
CA ASP B 356 0.01 18.47 -19.97
C ASP B 356 -0.27 18.67 -18.48
N PHE B 357 -1.04 17.75 -17.88
CA PHE B 357 -1.42 17.86 -16.47
C PHE B 357 -0.20 17.76 -15.56
N LEU B 358 0.82 17.00 -15.96
CA LEU B 358 2.04 16.94 -15.19
C LEU B 358 2.78 18.27 -15.24
N ARG B 359 2.83 18.90 -16.41
CA ARG B 359 3.67 20.08 -16.56
C ARG B 359 3.06 21.27 -15.83
N LYS B 360 1.74 21.26 -15.65
CA LYS B 360 1.02 22.46 -15.28
C LYS B 360 0.43 22.38 -13.88
N VAL B 361 0.90 21.44 -13.03
CA VAL B 361 0.28 21.31 -11.71
C VAL B 361 0.93 22.23 -10.69
N GLY B 362 2.17 22.64 -10.92
CA GLY B 362 2.83 23.57 -10.00
C GLY B 362 3.27 22.88 -8.71
N ILE B 363 3.83 23.70 -7.80
CA ILE B 363 4.40 23.27 -6.53
C ILE B 363 3.33 23.46 -5.44
N ARG B 364 3.28 22.53 -4.47
CA ARG B 364 2.14 22.41 -3.55
C ARG B 364 2.14 23.53 -2.50
N1 MJL C . 5.96 5.50 26.11
N3 MJL C . 8.00 5.31 27.29
C4 MJL C . 8.41 6.48 26.75
C5 MJL C . 7.61 7.10 25.94
C6 MJL C . 6.44 6.64 25.59
C2 MJL C . 6.80 4.79 26.99
O2 MJL C . 6.44 3.68 27.50
O4 MJL C . 9.54 6.91 27.08
PA MJL C . 4.84 6.42 20.87
PB MJL C . 2.82 6.81 18.98
O'P MJL C . 0.87 1.26 17.01
O'Q MJL C . 1.77 1.91 15.06
C1' MJL C . 2.40 5.66 16.61
O1A MJL C . 4.45 7.78 21.44
O1B MJL C . 2.99 8.16 18.33
C1C MJL C . 4.69 4.89 25.74
C2' MJL C . 1.25 6.30 15.83
N2' MJL C . 1.19 7.73 15.93
O2A MJL C . 6.33 6.26 20.94
O2B MJL C . 1.99 6.81 20.22
C2C MJL C . 3.39 5.59 26.11
O2C MJL C . 2.92 5.11 27.39
C3' MJL C . -0.02 5.73 16.39
N3' MJL C . -1.15 6.32 15.72
O3A MJL C . 4.31 6.35 19.39
O3B MJL C . 2.19 5.68 18.06
C3C MJL C . 2.43 5.17 25.03
O3C MJL C . 1.74 4.00 25.51
C4' MJL C . -0.03 4.23 16.14
O4' MJL C . -1.21 3.66 16.77
C4C MJL C . 3.32 4.73 23.87
O4C MJL C . 4.67 4.81 24.34
C5' MJL C . 1.28 3.62 16.62
O5' MJL C . 2.43 4.33 16.12
C5C MJL C . 3.12 5.62 22.68
O5C MJL C . 4.12 5.30 21.73
C6' MJL C . 1.32 2.16 16.21
C7' MJL C . 0.77 8.55 14.93
O7' MJL C . 0.50 8.19 13.78
C8' MJL C . 0.59 10.01 15.32
O43 MJL C . -1.91 7.48 17.49
C41 MJL C . -2.02 7.17 16.33
C42 MJL C . -3.13 7.72 15.50
C1' UD1 D . 8.28 4.95 14.49
C2' UD1 D . 7.06 5.25 13.60
C3' UD1 D . 6.14 6.28 14.25
C4' UD1 D . 5.83 5.96 15.70
C5' UD1 D . 7.11 5.63 16.47
C6' UD1 D . 6.86 5.14 17.87
C7' UD1 D . 7.52 4.86 11.25
C8' UD1 D . 7.92 5.44 9.93
N2' UD1 D . 7.45 5.70 12.28
O1' UD1 D . 9.06 6.13 14.51
O3' UD1 D . 4.97 6.30 13.45
O4' UD1 D . 5.16 7.06 16.32
O5' UD1 D . 7.85 4.57 15.80
O6' UD1 D . 8.03 5.30 18.69
O7' UD1 D . 7.26 3.66 11.38
N1 UD1 D . 16.17 4.22 16.56
C2 UD1 D . 17.10 3.82 17.49
N3 UD1 D . 16.71 2.74 18.28
C4 UD1 D . 15.50 2.08 18.25
C5 UD1 D . 14.60 2.56 17.25
C6 UD1 D . 14.95 3.59 16.46
O2 UD1 D . 18.17 4.38 17.60
O4 UD1 D . 15.26 1.14 19.01
C1B UD1 D . 16.52 5.37 15.68
C2B UD1 D . 17.34 4.97 14.46
O2' UD1 D . 18.25 6.01 14.23
C3B UD1 D . 16.26 4.89 13.39
C4B UD1 D . 15.38 6.09 13.77
O4B UD1 D . 15.33 6.00 15.22
O3B UD1 D . 16.76 5.08 12.07
C5B UD1 D . 13.98 6.09 13.20
O5B UD1 D . 13.35 4.82 13.51
PA UD1 D . 12.06 4.36 12.71
O1A UD1 D . 12.33 4.50 11.24
O2A UD1 D . 11.58 3.07 13.28
O3A UD1 D . 10.96 5.48 13.12
PB UD1 D . 10.64 6.13 14.53
O1B UD1 D . 11.12 7.53 14.51
O2B UD1 D . 11.09 5.23 15.65
CL CL E . 8.77 9.80 22.52
N1 MJL F . 0.91 -8.83 -25.93
N3 MJL F . 2.37 -10.27 -27.06
C4 MJL F . 1.72 -11.32 -26.49
C5 MJL F . 0.71 -11.14 -25.69
C6 MJL F . 0.33 -9.93 -25.38
C2 MJL F . 1.97 -9.01 -26.82
O2 MJL F . 2.49 -7.99 -27.29
O4 MJL F . 2.08 -12.52 -26.74
PA MJL F . -0.65 -8.61 -20.69
PB MJL F . -2.41 -7.39 -18.81
O'P MJL F . 0.44 -2.21 -17.05
O'Q MJL F . 0.39 -3.12 -14.99
C1' MJL F . -1.79 -6.23 -16.43
O1A MJL F . -1.84 -9.23 -21.43
O1B MJL F . -3.42 -8.29 -18.13
C1C MJL F . 0.50 -7.46 -25.59
C2' MJL F . -3.05 -5.79 -15.72
N2' MJL F . -4.08 -6.80 -15.83
O2A MJL F . 0.58 -9.45 -20.54
O2B MJL F . -2.97 -6.65 -20.02
C2C MJL F . -0.93 -7.05 -25.94
O2C MJL F . -1.08 -6.59 -27.27
C3' MJL F . -3.51 -4.41 -16.26
N3' MJL F . -4.74 -3.94 -15.64
O3A MJL F . -1.13 -8.27 -19.14
O3B MJL F . -1.88 -6.22 -17.87
C3C MJL F . -1.24 -5.97 -24.92
O3C MJL F . -0.90 -4.61 -25.38
C4' MJL F . -2.38 -3.38 -16.12
O4' MJL F . -2.66 -2.21 -16.95
C4C MJL F . -0.35 -6.38 -23.72
O4C MJL F . 0.55 -7.41 -24.15
C5' MJL F . -1.06 -3.99 -16.57
O5' MJL F . -0.81 -5.29 -16.05
C5C MJL F . -1.17 -6.90 -22.56
O5C MJL F . -0.28 -7.36 -21.56
C6' MJL F . 0.01 -3.03 -16.19
C7' MJL F . -5.02 -7.01 -14.90
O7' MJL F . -5.05 -6.41 -13.83
C8' MJL F . -6.07 -8.01 -15.26
O43 MJL F . -6.05 -4.20 -17.44
C41 MJL F . -5.91 -3.93 -16.26
C42 MJL F . -7.08 -3.64 -15.37
C1' UD1 G . 2.75 -10.01 -14.15
C2' UD1 G . 1.71 -9.25 -13.30
C3' UD1 G . 0.33 -9.33 -13.97
C4' UD1 G . 0.43 -8.89 -15.43
C5' UD1 G . 1.54 -9.64 -16.16
C6' UD1 G . 1.74 -9.16 -17.59
C7' UD1 G . 2.28 -9.16 -10.90
C8' UD1 G . 2.11 -9.83 -9.57
N2' UD1 G . 1.65 -9.73 -11.93
O1' UD1 G . 2.37 -11.38 -14.23
O3' UD1 G . -0.59 -8.50 -13.27
O4' UD1 G . -0.83 -9.17 -16.03
O5' UD1 G . 2.79 -9.47 -15.46
O6' UD1 G . 2.57 -10.02 -18.45
O7' UD1 G . 2.96 -8.15 -11.02
N1 UD1 G . 8.62 -15.35 -15.92
C2 UD1 G . 9.56 -15.79 -16.84
N3 UD1 G . 10.12 -14.81 -17.61
C4 UD1 G . 9.84 -13.46 -17.57
C5 UD1 G . 8.86 -13.09 -16.60
C6 UD1 G . 8.29 -14.03 -15.84
O2 UD1 G . 9.88 -16.96 -16.95
O4 UD1 G . 10.44 -12.69 -18.33
C1B UD1 G . 7.99 -16.37 -15.07
C2B UD1 G . 8.79 -16.72 -13.81
O2' UD1 G . 8.60 -18.11 -13.58
C3B UD1 G . 8.10 -15.83 -12.75
C4B UD1 G . 6.64 -15.94 -13.20
O4B UD1 G . 6.73 -15.89 -14.64
O3B UD1 G . 8.19 -16.26 -11.40
C5B UD1 G . 5.70 -14.88 -12.71
O5B UD1 G . 6.20 -13.59 -13.08
PA UD1 G . 5.65 -12.32 -12.25
O1A UD1 G . 5.55 -12.67 -10.81
O2A UD1 G . 6.37 -11.11 -12.74
O3A UD1 G . 4.17 -12.22 -12.81
PB UD1 G . 3.47 -12.56 -14.18
O1B UD1 G . 2.68 -13.82 -14.08
O2B UD1 G . 4.48 -12.39 -15.25
CL CL H . -0.36 -13.90 -22.18
NA NA I . 11.97 15.72 -22.98
#